data_6ZCZ
#
_entry.id   6ZCZ
#
_cell.length_a   177.867
_cell.length_b   177.867
_cell.length_c   87.715
_cell.angle_alpha   90.000
_cell.angle_beta   90.000
_cell.angle_gamma   120.000
#
_symmetry.space_group_name_H-M   'H 3'
#
loop_
_entity.id
_entity.type
_entity.pdbx_description
1 polymer 'Spike protein S1'
2 polymer Nanobody
3 polymer 'EY6A heavy chain'
4 polymer 'EY6A light chain'
5 non-polymer 2-acetamido-2-deoxy-beta-D-glucopyranose
6 non-polymer 'CHLORIDE ION'
7 non-polymer 'MAGNESIUM ION'
#
loop_
_entity_poly.entity_id
_entity_poly.type
_entity_poly.pdbx_seq_one_letter_code
_entity_poly.pdbx_strand_id
1 'polypeptide(L)'
;ETGHHHHHHTNLCPFGEVFNATRFASVYAWNRKRISNCVADYSVLYNSASFSTFKCYGVSPTKLNDLCFTNVYADSFVIR
GDEVRQIAPGQTGKIADYNYKLPDDFTGCVIAWNSNNLDSKVGGNYNYLYRLFRKSNLKPFERDISTEIYQAGSTPCNGV
EGFNCYFPLQSYGFQPTNGVGYQPYRVVVLSFELLHAPATVCGKK
;
E
2 'polypeptide(L)'
;QVQLVESGGGLMQAGGSLRLSCAVSGRTFSTAAMGWFRQAPGKEREFVAAIRWSGGSAYYADSVKGRFTISRDKAKNTVY
LQMNSLKYEDTAVYYCAQTHYVSYLLSDYATWPYDYWGQGTQVTVSSGPGGQHHHHHHGAEQKLISEEDLS
;
F
3 'polypeptide(L)'
;EVQLVESGGGVVQPGRSLRLSCAASAFTFSSYDMHWVRQAPGKGLEWVAVISYDGSNKYYADSVKGRFTISRDNSKNTLY
LQMNSLRAEDTAVYYCAKDGGKLWVYYFDYWGQGTLVTVSSASTKGPSVFPLAPSSKSTSGGTAALGCLVKDYFPEPVTV
SWNSGALTSGVHTFPAVLQSSGLYSLSSVVTVPSSSLGTQTYICNVNHKPSNTKVDKRVEPKSCDK
;
H
4 'polypeptide(L)'
;DIQMTQSPSSLSASVGDRVTITCRASQSISSYLNWYQQKPGKAPKLLIYAASSLQSGVPSRFSGSGSGTDFTLTISSLQP
EDFATYYCQQSYSTLALTFGGGTKVEIKRTVAAPSVFIFPPSDEQLKSGTASVVCLLNNFYPREAKVQWKVDNALQSGNS
QESVTEQDSKDSTYSLSSTLTLSKADYEKHKVYACEVTHQGLSSPVTKSFNRGEC
;
L
#
loop_
_chem_comp.id
_chem_comp.type
_chem_comp.name
_chem_comp.formula
CL non-polymer 'CHLORIDE ION' 'Cl -1'
MG non-polymer 'MAGNESIUM ION' 'Mg 2'
NAG D-saccharide, beta linking 2-acetamido-2-deoxy-beta-D-glucopyranose 'C8 H15 N O6'
#
# COMPACT_ATOMS: atom_id res chain seq x y z
N THR A 10 -36.00 19.62 0.99
CA THR A 10 -35.81 20.97 1.51
C THR A 10 -34.79 21.00 2.63
N ASN A 11 -34.94 20.08 3.59
CA ASN A 11 -34.05 20.00 4.75
C ASN A 11 -32.87 19.07 4.44
N LEU A 12 -32.10 19.44 3.42
CA LEU A 12 -30.92 18.66 3.06
C LEU A 12 -29.80 18.93 4.07
N CYS A 13 -29.00 17.89 4.33
CA CYS A 13 -27.93 18.04 5.31
C CYS A 13 -26.88 19.03 4.81
N PRO A 14 -26.40 19.94 5.65
CA PRO A 14 -25.51 21.02 5.21
C PRO A 14 -24.08 20.56 4.99
N PHE A 15 -23.90 19.61 4.08
CA PHE A 15 -22.55 19.18 3.71
C PHE A 15 -21.82 20.26 2.91
N GLY A 16 -22.56 21.18 2.28
CA GLY A 16 -21.91 22.22 1.50
C GLY A 16 -21.10 23.17 2.35
N GLU A 17 -21.67 23.64 3.46
CA GLU A 17 -20.96 24.57 4.33
C GLU A 17 -19.82 23.88 5.09
N VAL A 18 -19.72 22.56 5.03
CA VAL A 18 -18.60 21.85 5.62
C VAL A 18 -17.47 21.67 4.62
N PHE A 19 -17.80 21.23 3.41
CA PHE A 19 -16.78 21.04 2.37
C PHE A 19 -16.40 22.37 1.72
N ASN A 20 -17.39 23.18 1.35
CA ASN A 20 -17.13 24.46 0.71
C ASN A 20 -16.97 25.59 1.71
N ALA A 21 -16.49 25.29 2.92
CA ALA A 21 -16.22 26.34 3.90
C ALA A 21 -15.11 27.25 3.39
N THR A 22 -15.32 28.56 3.56
CA THR A 22 -14.34 29.53 3.07
C THR A 22 -12.97 29.32 3.71
N ARG A 23 -12.95 29.04 5.02
CA ARG A 23 -11.70 28.86 5.72
C ARG A 23 -11.82 27.67 6.66
N PHE A 24 -10.71 26.96 6.84
CA PHE A 24 -10.65 25.76 7.66
C PHE A 24 -9.82 26.02 8.92
N ALA A 25 -9.90 25.08 9.85
CA ALA A 25 -9.21 25.19 11.14
C ALA A 25 -7.95 24.34 11.16
N SER A 26 -7.10 24.60 12.15
CA SER A 26 -5.90 23.81 12.32
C SER A 26 -6.24 22.43 12.87
N VAL A 27 -5.28 21.51 12.73
CA VAL A 27 -5.54 20.12 13.08
C VAL A 27 -5.63 19.93 14.59
N TYR A 28 -4.88 20.72 15.37
CA TYR A 28 -4.95 20.60 16.83
C TYR A 28 -6.30 21.10 17.34
N ALA A 29 -6.85 22.14 16.70
CA ALA A 29 -8.16 22.66 17.05
C ALA A 29 -9.15 22.30 15.96
N TRP A 30 -9.29 21.02 15.67
CA TRP A 30 -10.15 20.57 14.59
C TRP A 30 -11.60 20.92 14.90
N ASN A 31 -12.32 21.37 13.87
CA ASN A 31 -13.70 21.78 14.01
C ASN A 31 -14.62 20.60 13.77
N ARG A 32 -15.67 20.49 14.58
CA ARG A 32 -16.66 19.42 14.47
C ARG A 32 -18.03 20.01 14.19
N LYS A 33 -18.69 19.48 13.17
CA LYS A 33 -20.06 19.84 12.82
C LYS A 33 -20.96 18.65 13.10
N ARG A 34 -22.09 18.91 13.76
CA ARG A 34 -23.06 17.87 14.10
C ARG A 34 -24.18 17.87 13.07
N ILE A 35 -24.44 16.70 12.49
CA ILE A 35 -25.44 16.53 11.45
C ILE A 35 -26.63 15.80 12.06
N SER A 36 -27.76 16.49 12.15
CA SER A 36 -28.96 15.90 12.74
C SER A 36 -30.20 16.47 12.08
N ASN A 37 -31.22 15.64 11.93
CA ASN A 37 -32.54 16.04 11.42
C ASN A 37 -32.44 16.63 10.01
N CYS A 38 -32.01 15.78 9.08
CA CYS A 38 -31.89 16.19 7.68
C CYS A 38 -31.71 14.95 6.81
N VAL A 39 -32.28 15.00 5.61
CA VAL A 39 -32.05 13.94 4.63
C VAL A 39 -30.63 14.06 4.09
N ALA A 40 -29.87 12.97 4.19
CA ALA A 40 -28.46 12.97 3.84
C ALA A 40 -28.30 12.68 2.35
N ASP A 41 -27.99 13.71 1.57
CA ASP A 41 -27.69 13.55 0.16
C ASP A 41 -26.19 13.45 -0.01
N TYR A 42 -25.70 12.23 -0.24
CA TYR A 42 -24.28 11.96 -0.38
C TYR A 42 -23.80 12.11 -1.81
N SER A 43 -24.66 12.55 -2.73
CA SER A 43 -24.28 12.68 -4.14
C SER A 43 -23.22 13.76 -4.37
N VAL A 44 -22.92 14.58 -3.36
CA VAL A 44 -21.84 15.56 -3.49
C VAL A 44 -20.47 14.91 -3.35
N LEU A 45 -20.40 13.70 -2.83
CA LEU A 45 -19.14 12.97 -2.77
C LEU A 45 -18.91 12.12 -4.01
N TYR A 46 -19.99 11.66 -4.63
CA TYR A 46 -19.88 10.81 -5.82
C TYR A 46 -19.50 11.63 -7.04
N ASN A 47 -20.23 12.71 -7.30
CA ASN A 47 -20.00 13.50 -8.50
C ASN A 47 -18.65 14.20 -8.47
N SER A 48 -18.33 14.85 -7.35
CA SER A 48 -17.09 15.61 -7.24
C SER A 48 -15.87 14.69 -7.33
N ALA A 49 -15.27 14.61 -8.51
CA ALA A 49 -14.05 13.84 -8.72
C ALA A 49 -12.80 14.62 -8.32
N SER A 50 -12.96 15.80 -7.71
CA SER A 50 -11.84 16.63 -7.30
C SER A 50 -11.19 16.18 -6.00
N PHE A 51 -11.42 14.94 -5.58
CA PHE A 51 -10.89 14.42 -4.33
C PHE A 51 -9.63 13.59 -4.59
N SER A 52 -8.61 13.79 -3.75
CA SER A 52 -7.37 13.05 -3.88
C SER A 52 -7.41 11.74 -3.11
N THR A 53 -7.81 11.79 -1.85
CA THR A 53 -7.87 10.62 -0.98
C THR A 53 -9.30 10.41 -0.52
N PHE A 54 -9.81 9.19 -0.73
CA PHE A 54 -11.16 8.82 -0.32
C PHE A 54 -11.10 7.38 0.18
N LYS A 55 -11.14 7.22 1.50
CA LYS A 55 -11.08 5.90 2.12
C LYS A 55 -12.13 5.82 3.22
N CYS A 56 -12.87 4.71 3.24
CA CYS A 56 -13.91 4.48 4.23
C CYS A 56 -13.56 3.25 5.07
N TYR A 57 -14.07 3.24 6.30
CA TYR A 57 -13.80 2.17 7.24
C TYR A 57 -15.08 1.77 7.94
N GLY A 58 -15.33 0.46 8.00
CA GLY A 58 -16.46 -0.06 8.74
C GLY A 58 -17.79 0.01 8.00
N VAL A 59 -17.83 0.82 6.95
CA VAL A 59 -19.03 1.01 6.16
C VAL A 59 -18.63 1.27 4.71
N SER A 60 -19.50 0.90 3.78
CA SER A 60 -19.23 1.10 2.38
C SER A 60 -20.00 2.29 1.84
N PRO A 61 -19.37 3.11 0.99
CA PRO A 61 -20.05 4.32 0.51
C PRO A 61 -21.22 4.03 -0.41
N THR A 62 -21.18 2.93 -1.17
CA THR A 62 -22.30 2.63 -2.07
C THR A 62 -23.56 2.27 -1.29
N LYS A 63 -23.43 1.41 -0.27
CA LYS A 63 -24.56 1.05 0.58
C LYS A 63 -24.70 2.03 1.75
N LEU A 64 -24.57 3.32 1.48
CA LEU A 64 -24.69 4.34 2.51
C LEU A 64 -25.86 5.29 2.30
N ASN A 65 -26.28 5.52 1.05
CA ASN A 65 -27.42 6.38 0.77
C ASN A 65 -28.75 5.72 1.09
N ASP A 66 -28.75 4.44 1.45
CA ASP A 66 -29.97 3.77 1.86
C ASP A 66 -29.81 3.21 3.27
N LEU A 67 -29.39 4.06 4.20
CA LEU A 67 -29.14 3.63 5.57
C LEU A 67 -29.25 4.83 6.49
N CYS A 68 -29.94 4.65 7.61
CA CYS A 68 -30.18 5.73 8.57
C CYS A 68 -29.18 5.67 9.71
N PHE A 69 -28.95 6.82 10.33
CA PHE A 69 -28.05 6.94 11.46
C PHE A 69 -28.62 7.90 12.48
N THR A 70 -28.32 7.64 13.76
CA THR A 70 -28.77 8.54 14.81
C THR A 70 -28.10 9.91 14.67
N ASN A 71 -26.79 9.93 14.42
CA ASN A 71 -26.07 11.17 14.21
C ASN A 71 -24.91 10.92 13.26
N VAL A 72 -24.51 11.99 12.58
CA VAL A 72 -23.31 11.99 11.74
C VAL A 72 -22.45 13.17 12.16
N TYR A 73 -21.16 12.93 12.35
CA TYR A 73 -20.22 13.97 12.76
C TYR A 73 -19.26 14.26 11.62
N ALA A 74 -19.09 15.54 11.30
CA ALA A 74 -18.21 15.98 10.22
C ALA A 74 -17.07 16.77 10.84
N ASP A 75 -15.90 16.14 10.92
CA ASP A 75 -14.70 16.78 11.43
C ASP A 75 -13.86 17.29 10.26
N SER A 76 -13.37 18.53 10.38
CA SER A 76 -12.60 19.16 9.30
C SER A 76 -11.39 19.88 9.87
N PHE A 77 -10.27 19.74 9.17
CA PHE A 77 -9.01 20.38 9.56
C PHE A 77 -8.10 20.42 8.33
N VAL A 78 -6.84 20.82 8.54
CA VAL A 78 -5.87 20.97 7.47
C VAL A 78 -4.55 20.37 7.91
N ILE A 79 -3.98 19.51 7.07
CA ILE A 79 -2.67 18.91 7.27
C ILE A 79 -1.96 18.86 5.92
N ARG A 80 -0.74 18.33 5.92
CA ARG A 80 0.03 18.16 4.70
C ARG A 80 -0.08 16.72 4.19
N GLY A 81 0.43 16.52 2.96
CA GLY A 81 0.23 15.25 2.29
C GLY A 81 0.84 14.07 3.03
N ASP A 82 2.02 14.26 3.61
CA ASP A 82 2.69 13.18 4.32
C ASP A 82 1.91 12.73 5.56
N GLU A 83 0.97 13.54 6.03
CA GLU A 83 0.20 13.24 7.22
C GLU A 83 -1.21 12.75 6.92
N VAL A 84 -1.66 12.82 5.67
CA VAL A 84 -3.01 12.37 5.33
C VAL A 84 -3.16 10.89 5.63
N ARG A 85 -2.10 10.11 5.39
CA ARG A 85 -2.15 8.68 5.67
C ARG A 85 -2.35 8.37 7.14
N GLN A 86 -2.06 9.33 8.03
CA GLN A 86 -2.22 9.13 9.47
C GLN A 86 -3.67 9.27 9.92
N ILE A 87 -4.55 9.84 9.10
CA ILE A 87 -5.96 9.98 9.47
C ILE A 87 -6.66 8.65 9.20
N ALA A 88 -6.39 7.66 10.05
CA ALA A 88 -6.95 6.33 9.89
C ALA A 88 -6.77 5.58 11.20
N PRO A 89 -7.62 4.60 11.48
CA PRO A 89 -7.45 3.83 12.72
C PRO A 89 -6.15 3.04 12.70
N GLY A 90 -5.53 2.92 13.87
CA GLY A 90 -4.29 2.19 13.99
C GLY A 90 -3.07 2.88 13.42
N GLN A 91 -3.10 4.21 13.32
CA GLN A 91 -1.98 4.98 12.79
C GLN A 91 -1.26 5.70 13.92
N THR A 92 0.03 5.96 13.71
CA THR A 92 0.86 6.67 14.66
C THR A 92 1.59 7.81 13.95
N GLY A 93 1.99 8.80 14.74
CA GLY A 93 2.66 9.97 14.21
C GLY A 93 2.29 11.23 14.96
N LYS A 94 2.83 12.37 14.51
CA LYS A 94 2.54 13.63 15.18
C LYS A 94 1.06 13.96 15.14
N ILE A 95 0.40 13.71 14.01
CA ILE A 95 -1.02 14.04 13.88
C ILE A 95 -1.88 13.03 14.62
N ALA A 96 -1.61 11.74 14.41
CA ALA A 96 -2.46 10.71 15.01
C ALA A 96 -2.35 10.70 16.52
N ASP A 97 -1.16 10.94 17.06
CA ASP A 97 -0.94 10.84 18.50
C ASP A 97 -1.22 12.13 19.24
N TYR A 98 -0.97 13.29 18.62
CA TYR A 98 -1.02 14.56 19.33
C TYR A 98 -2.10 15.51 18.87
N ASN A 99 -2.79 15.23 17.76
CA ASN A 99 -3.72 16.22 17.22
C ASN A 99 -5.11 15.65 16.97
N TYR A 100 -5.20 14.53 16.26
CA TYR A 100 -6.49 13.94 15.91
C TYR A 100 -6.33 12.43 15.81
N LYS A 101 -7.01 11.71 16.71
CA LYS A 101 -6.91 10.25 16.78
C LYS A 101 -8.27 9.63 16.49
N LEU A 102 -8.30 8.65 15.61
CA LEU A 102 -9.49 7.87 15.30
C LEU A 102 -9.42 6.51 16.00
N PRO A 103 -10.52 6.07 16.61
CA PRO A 103 -10.49 4.81 17.37
C PRO A 103 -10.29 3.61 16.44
N ASP A 104 -9.95 2.48 17.06
CA ASP A 104 -9.67 1.28 16.29
C ASP A 104 -10.92 0.71 15.65
N ASP A 105 -12.09 0.97 16.23
CA ASP A 105 -13.37 0.53 15.66
C ASP A 105 -14.10 1.67 14.96
N PHE A 106 -13.36 2.63 14.40
CA PHE A 106 -13.96 3.76 13.72
C PHE A 106 -14.80 3.30 12.54
N THR A 107 -15.99 3.88 12.40
CA THR A 107 -16.91 3.56 11.31
C THR A 107 -17.25 4.86 10.59
N GLY A 108 -16.57 5.11 9.47
CA GLY A 108 -16.82 6.32 8.72
C GLY A 108 -15.91 6.42 7.52
N CYS A 109 -15.83 7.63 6.96
CA CYS A 109 -15.04 7.88 5.76
C CYS A 109 -14.13 9.08 5.97
N VAL A 110 -12.96 9.02 5.35
CA VAL A 110 -11.97 10.08 5.40
C VAL A 110 -11.78 10.62 4.00
N ILE A 111 -11.96 11.93 3.83
CA ILE A 111 -11.88 12.59 2.53
C ILE A 111 -10.87 13.73 2.63
N ALA A 112 -10.03 13.87 1.61
CA ALA A 112 -9.03 14.92 1.58
C ALA A 112 -8.74 15.31 0.14
N TRP A 113 -8.36 16.56 -0.06
CA TRP A 113 -8.03 17.06 -1.39
C TRP A 113 -6.97 18.15 -1.28
N ASN A 114 -6.19 18.29 -2.35
CA ASN A 114 -5.10 19.26 -2.36
C ASN A 114 -5.65 20.67 -2.40
N SER A 115 -5.41 21.44 -1.33
CA SER A 115 -5.87 22.82 -1.21
C SER A 115 -4.71 23.81 -1.30
N ASN A 116 -3.75 23.53 -2.19
CA ASN A 116 -2.58 24.40 -2.32
C ASN A 116 -2.97 25.75 -2.90
N ASN A 117 -4.05 25.82 -3.68
CA ASN A 117 -4.45 27.08 -4.29
C ASN A 117 -5.06 28.04 -3.28
N LEU A 118 -5.62 27.51 -2.18
CA LEU A 118 -6.32 28.33 -1.20
C LEU A 118 -5.50 28.57 0.07
N ASP A 119 -4.82 27.55 0.57
CA ASP A 119 -4.11 27.63 1.84
C ASP A 119 -2.61 27.85 1.67
N SER A 120 -2.21 28.67 0.71
CA SER A 120 -0.80 28.96 0.48
C SER A 120 -0.64 30.42 0.10
N LYS A 121 0.37 31.07 0.68
CA LYS A 121 0.71 32.44 0.38
C LYS A 121 2.13 32.50 -0.16
N VAL A 122 2.43 33.59 -0.88
CA VAL A 122 3.77 33.77 -1.43
C VAL A 122 4.81 33.88 -0.34
N GLY A 123 4.44 34.44 0.81
CA GLY A 123 5.31 34.52 1.96
C GLY A 123 5.14 33.39 2.94
N GLY A 124 4.41 32.34 2.58
CA GLY A 124 4.18 31.22 3.48
C GLY A 124 2.98 31.44 4.39
N ASN A 125 1.99 30.57 4.29
CA ASN A 125 0.82 30.63 5.14
C ASN A 125 1.13 29.91 6.45
N TYR A 126 1.24 30.69 7.54
CA TYR A 126 1.58 30.13 8.85
C TYR A 126 0.39 30.14 9.80
N ASN A 127 -0.83 30.30 9.29
CA ASN A 127 -2.01 30.32 10.14
C ASN A 127 -2.45 28.93 10.59
N TYR A 128 -2.05 27.88 9.86
CA TYR A 128 -2.39 26.52 10.22
C TYR A 128 -1.28 25.93 11.10
N LEU A 129 -1.64 25.55 12.32
CA LEU A 129 -0.69 25.06 13.30
C LEU A 129 -0.92 23.58 13.57
N TYR A 130 -0.02 22.99 14.35
CA TYR A 130 -0.15 21.61 14.79
C TYR A 130 0.61 21.44 16.09
N ARG A 131 0.11 20.56 16.95
CA ARG A 131 0.75 20.29 18.22
C ARG A 131 1.99 19.42 18.02
N LEU A 132 3.10 19.84 18.60
CA LEU A 132 4.38 19.15 18.43
C LEU A 132 4.74 18.24 19.60
N PHE A 133 4.45 18.67 20.83
CA PHE A 133 4.74 17.89 22.02
C PHE A 133 3.46 17.68 22.84
N ARG A 134 3.43 16.57 23.56
CA ARG A 134 2.33 16.30 24.48
C ARG A 134 2.78 15.21 25.45
N LYS A 135 2.36 15.35 26.71
CA LYS A 135 2.79 14.41 27.75
C LYS A 135 2.17 13.03 27.55
N SER A 136 1.06 12.93 26.81
CA SER A 136 0.42 11.65 26.56
C SER A 136 -0.31 11.72 25.23
N ASN A 137 -0.65 10.54 24.71
CA ASN A 137 -1.35 10.46 23.44
C ASN A 137 -2.83 10.76 23.64
N LEU A 138 -3.43 11.41 22.65
CA LEU A 138 -4.84 11.76 22.71
C LEU A 138 -5.71 10.52 22.70
N LYS A 139 -6.82 10.58 23.44
CA LYS A 139 -7.86 9.57 23.34
C LYS A 139 -8.64 9.77 22.05
N PRO A 140 -9.35 8.73 21.58
CA PRO A 140 -10.12 8.88 20.34
C PRO A 140 -11.09 10.06 20.40
N PHE A 141 -11.09 10.85 19.33
CA PHE A 141 -11.97 12.02 19.20
C PHE A 141 -11.74 13.02 20.35
N GLU A 142 -10.48 13.29 20.65
CA GLU A 142 -10.12 14.29 21.66
C GLU A 142 -9.58 15.53 20.98
N ARG A 143 -9.93 16.70 21.53
CA ARG A 143 -9.52 17.98 20.98
C ARG A 143 -8.77 18.75 22.07
N ASP A 144 -7.45 18.84 21.92
CA ASP A 144 -6.60 19.54 22.86
C ASP A 144 -6.14 20.84 22.24
N ILE A 145 -6.49 21.96 22.89
CA ILE A 145 -6.07 23.29 22.44
C ILE A 145 -5.30 24.03 23.52
N SER A 146 -4.84 23.33 24.57
CA SER A 146 -4.08 23.97 25.62
C SER A 146 -2.69 24.34 25.12
N THR A 147 -2.23 25.52 25.52
CA THR A 147 -0.92 26.03 25.14
C THR A 147 0.06 26.01 26.30
N GLU A 148 -0.06 25.02 27.19
CA GLU A 148 0.84 24.90 28.32
C GLU A 148 2.27 24.62 27.84
N ILE A 149 3.24 25.26 28.48
CA ILE A 149 4.63 25.10 28.08
C ILE A 149 5.07 23.67 28.37
N TYR A 150 5.53 22.98 27.33
CA TYR A 150 5.90 21.57 27.48
C TYR A 150 7.22 21.46 28.24
N GLN A 151 7.23 20.59 29.24
CA GLN A 151 8.43 20.32 30.02
C GLN A 151 9.13 19.10 29.43
N ALA A 152 10.27 19.33 28.77
CA ALA A 152 11.03 18.26 28.16
C ALA A 152 12.22 17.82 29.02
N GLY A 153 12.63 18.62 29.99
CA GLY A 153 13.75 18.26 30.84
C GLY A 153 13.37 18.11 32.29
N SER A 154 14.38 18.00 33.17
CA SER A 154 14.09 17.83 34.59
C SER A 154 13.64 19.13 35.23
N THR A 155 14.10 20.27 34.72
CA THR A 155 13.73 21.56 35.28
C THR A 155 12.29 21.89 34.93
N PRO A 156 11.42 22.13 35.90
CA PRO A 156 10.01 22.41 35.59
C PRO A 156 9.83 23.81 35.03
N CYS A 157 8.94 23.93 34.05
CA CYS A 157 8.63 25.21 33.42
C CYS A 157 7.41 25.82 34.12
N ASN A 158 7.60 26.98 34.74
CA ASN A 158 6.50 27.69 35.40
C ASN A 158 5.73 28.57 34.43
N GLY A 159 5.44 28.06 33.24
CA GLY A 159 4.82 28.85 32.20
C GLY A 159 5.77 29.65 31.35
N VAL A 160 7.08 29.56 31.60
CA VAL A 160 8.09 30.27 30.84
C VAL A 160 8.78 29.30 29.90
N GLU A 161 9.30 29.84 28.80
CA GLU A 161 10.02 29.04 27.82
C GLU A 161 11.52 29.16 28.04
N GLY A 162 12.25 28.25 27.41
CA GLY A 162 13.70 28.28 27.47
C GLY A 162 14.27 26.87 27.36
N PHE A 163 15.28 26.60 28.20
CA PHE A 163 15.98 25.33 28.20
C PHE A 163 15.04 24.17 28.49
N ASN A 164 14.79 23.32 27.49
CA ASN A 164 13.88 22.19 27.59
C ASN A 164 12.48 22.62 28.00
N CYS A 165 12.08 23.83 27.62
CA CYS A 165 10.75 24.37 27.89
C CYS A 165 10.28 25.02 26.60
N TYR A 166 9.52 24.28 25.80
CA TYR A 166 9.15 24.71 24.46
C TYR A 166 7.65 24.97 24.37
N PHE A 167 7.28 25.82 23.43
CA PHE A 167 5.87 26.06 23.15
C PHE A 167 5.32 24.85 22.38
N PRO A 168 4.14 24.34 22.75
CA PRO A 168 3.70 23.05 22.20
C PRO A 168 3.24 23.11 20.76
N LEU A 169 2.90 24.29 20.24
CA LEU A 169 2.32 24.41 18.89
C LEU A 169 3.38 24.90 17.91
N GLN A 170 3.43 24.25 16.74
CA GLN A 170 4.30 24.65 15.65
C GLN A 170 3.46 24.98 14.43
N SER A 171 3.95 25.93 13.63
CA SER A 171 3.22 26.42 12.47
C SER A 171 3.68 25.71 11.21
N TYR A 172 2.73 25.37 10.35
CA TYR A 172 3.06 24.75 9.07
C TYR A 172 3.70 25.77 8.14
N GLY A 173 4.56 25.28 7.26
CA GLY A 173 5.15 26.10 6.21
C GLY A 173 4.55 25.78 4.86
N PHE A 174 3.51 26.51 4.45
CA PHE A 174 2.80 26.25 3.20
C PHE A 174 3.14 27.33 2.19
N GLN A 175 3.95 26.97 1.20
CA GLN A 175 4.32 27.83 0.10
C GLN A 175 3.86 27.23 -1.22
N PRO A 176 3.65 28.05 -2.25
CA PRO A 176 3.20 27.50 -3.54
C PRO A 176 4.19 26.54 -4.18
N THR A 177 5.49 26.72 -3.91
CA THR A 177 6.52 25.87 -4.48
C THR A 177 6.85 24.67 -3.62
N ASN A 178 6.05 24.39 -2.58
CA ASN A 178 6.29 23.24 -1.73
C ASN A 178 6.14 21.94 -2.52
N GLY A 179 6.88 20.93 -2.08
CA GLY A 179 6.65 19.59 -2.60
C GLY A 179 5.26 19.09 -2.25
N VAL A 180 4.77 18.16 -3.06
CA VAL A 180 3.40 17.67 -2.91
C VAL A 180 3.17 17.11 -1.51
N GLY A 181 4.20 16.51 -0.90
CA GLY A 181 4.06 16.01 0.45
C GLY A 181 3.91 17.10 1.49
N TYR A 182 4.42 18.30 1.20
CA TYR A 182 4.36 19.42 2.12
C TYR A 182 3.33 20.46 1.72
N GLN A 183 2.47 20.15 0.74
CA GLN A 183 1.40 21.06 0.36
C GLN A 183 0.18 20.85 1.26
N PRO A 184 -0.64 21.87 1.46
CA PRO A 184 -1.78 21.73 2.37
C PRO A 184 -2.88 20.86 1.77
N TYR A 185 -3.57 20.14 2.65
CA TYR A 185 -4.70 19.30 2.28
C TYR A 185 -5.83 19.52 3.26
N ARG A 186 -7.03 19.75 2.76
CA ARG A 186 -8.21 19.91 3.59
C ARG A 186 -8.90 18.57 3.76
N VAL A 187 -9.03 18.12 5.01
CA VAL A 187 -9.55 16.80 5.34
C VAL A 187 -10.94 16.95 5.95
N VAL A 188 -11.86 16.07 5.53
CA VAL A 188 -13.19 15.99 6.12
C VAL A 188 -13.40 14.54 6.54
N VAL A 189 -13.72 14.34 7.83
CA VAL A 189 -13.88 13.01 8.39
C VAL A 189 -15.34 12.85 8.82
N LEU A 190 -16.10 12.03 8.10
CA LEU A 190 -17.47 11.73 8.45
C LEU A 190 -17.50 10.47 9.30
N SER A 191 -18.13 10.56 10.48
CA SER A 191 -18.25 9.44 11.39
C SER A 191 -19.72 9.18 11.67
N PHE A 192 -20.10 7.89 11.65
CA PHE A 192 -21.48 7.47 11.78
C PHE A 192 -21.67 6.69 13.06
N GLU A 193 -22.65 7.09 13.87
CA GLU A 193 -23.01 6.37 15.08
C GLU A 193 -24.44 5.89 14.97
N LEU A 194 -24.72 4.74 15.59
CA LEU A 194 -26.05 4.16 15.63
C LEU A 194 -26.32 3.70 17.05
N LEU A 195 -27.15 4.45 17.77
CA LEU A 195 -27.50 4.16 19.15
C LEU A 195 -28.93 3.64 19.23
N HIS A 196 -29.35 3.30 20.45
CA HIS A 196 -30.73 2.88 20.70
C HIS A 196 -31.62 4.12 20.88
N ALA A 197 -31.63 4.94 19.84
CA ALA A 197 -32.33 6.20 19.81
C ALA A 197 -32.90 6.41 18.42
N PRO A 198 -33.87 7.31 18.25
CA PRO A 198 -34.38 7.61 16.91
C PRO A 198 -33.28 8.09 15.98
N ALA A 199 -33.35 7.66 14.72
CA ALA A 199 -32.38 8.00 13.70
C ALA A 199 -32.90 9.20 12.91
N THR A 200 -32.19 10.33 13.01
CA THR A 200 -32.62 11.55 12.35
C THR A 200 -31.96 11.75 10.99
N VAL A 201 -30.85 11.07 10.72
CA VAL A 201 -30.09 11.25 9.48
C VAL A 201 -30.28 9.99 8.63
N CYS A 202 -31.05 10.12 7.55
CA CYS A 202 -31.25 9.05 6.60
C CYS A 202 -30.82 9.52 5.21
N GLY A 203 -30.40 8.57 4.37
CA GLY A 203 -29.96 8.90 3.04
C GLY A 203 -31.08 8.86 2.01
N LYS A 204 -30.82 9.48 0.87
CA LYS A 204 -31.78 9.50 -0.23
C LYS A 204 -31.09 9.86 -1.55
N VAL B 2 -2.56 45.82 7.85
CA VAL B 2 -1.80 45.46 9.04
C VAL B 2 -0.73 46.53 9.31
N GLN B 3 -1.04 47.44 10.23
CA GLN B 3 -0.23 48.63 10.47
C GLN B 3 0.50 48.53 11.81
N LEU B 4 1.70 49.10 11.85
CA LEU B 4 2.49 49.21 13.06
C LEU B 4 2.88 50.67 13.27
N VAL B 5 2.58 51.19 14.46
CA VAL B 5 2.78 52.60 14.78
C VAL B 5 3.58 52.70 16.07
N GLU B 6 4.82 53.19 15.97
CA GLU B 6 5.68 53.37 17.13
C GLU B 6 5.49 54.75 17.74
N SER B 7 5.75 54.84 19.05
CA SER B 7 5.67 56.09 19.78
C SER B 7 6.37 55.93 21.12
N GLY B 8 6.76 57.07 21.70
CA GLY B 8 7.40 57.11 23.00
C GLY B 8 8.88 57.42 22.96
N GLY B 9 9.49 57.51 21.77
CA GLY B 9 10.91 57.77 21.68
C GLY B 9 11.25 59.25 21.76
N GLY B 10 12.51 59.52 22.08
CA GLY B 10 12.97 60.88 22.18
C GLY B 10 14.31 60.94 22.90
N LEU B 11 14.69 62.16 23.27
CA LEU B 11 15.95 62.37 23.98
C LEU B 11 15.79 62.00 25.44
N MET B 12 16.85 61.40 26.01
CA MET B 12 16.81 60.98 27.40
C MET B 12 18.22 61.00 27.97
N GLN B 13 18.32 61.39 29.24
CA GLN B 13 19.61 61.39 29.93
C GLN B 13 20.04 59.95 30.23
N ALA B 14 21.36 59.73 30.23
CA ALA B 14 21.89 58.42 30.55
C ALA B 14 21.51 58.03 31.97
N GLY B 15 21.22 56.74 32.15
CA GLY B 15 20.74 56.23 33.42
C GLY B 15 19.26 56.35 33.64
N GLY B 16 18.56 57.15 32.83
CA GLY B 16 17.13 57.32 32.96
C GLY B 16 16.36 56.12 32.44
N SER B 17 15.05 56.32 32.28
CA SER B 17 14.15 55.26 31.86
C SER B 17 13.19 55.81 30.81
N LEU B 18 12.87 54.98 29.82
CA LEU B 18 11.95 55.38 28.76
C LEU B 18 11.08 54.19 28.39
N ARG B 19 9.84 54.50 27.98
CA ARG B 19 8.84 53.50 27.66
C ARG B 19 8.40 53.67 26.21
N LEU B 20 8.48 52.60 25.43
CA LEU B 20 8.11 52.60 24.03
C LEU B 20 6.80 51.85 23.81
N SER B 21 6.06 52.26 22.79
CA SER B 21 4.78 51.66 22.45
C SER B 21 4.77 51.33 20.96
N CYS B 22 3.81 50.48 20.57
CA CYS B 22 3.70 50.03 19.19
C CYS B 22 2.27 49.54 18.97
N ALA B 23 1.50 50.29 18.20
CA ALA B 23 0.10 49.97 17.95
C ALA B 23 -0.04 49.04 16.76
N VAL B 24 -0.95 48.08 16.87
CA VAL B 24 -1.22 47.11 15.81
C VAL B 24 -2.69 47.23 15.42
N SER B 25 -2.93 47.37 14.12
CA SER B 25 -4.29 47.48 13.60
C SER B 25 -4.43 46.62 12.36
N GLY B 26 -5.65 46.13 12.13
CA GLY B 26 -5.93 45.26 11.00
C GLY B 26 -6.24 43.83 11.43
N ARG B 27 -5.48 42.86 10.89
CA ARG B 27 -5.63 41.46 11.28
C ARG B 27 -4.96 41.28 12.64
N THR B 28 -5.67 41.72 13.69
CA THR B 28 -5.09 41.76 15.02
C THR B 28 -5.12 40.41 15.73
N PHE B 29 -5.96 39.48 15.30
CA PHE B 29 -5.99 38.14 15.85
C PHE B 29 -5.07 37.18 15.10
N SER B 30 -4.32 37.68 14.11
CA SER B 30 -3.32 36.91 13.41
C SER B 30 -1.91 37.16 13.92
N THR B 31 -1.79 37.63 15.16
CA THR B 31 -0.49 37.96 15.74
C THR B 31 0.03 36.76 16.52
N ALA B 32 1.24 36.31 16.17
CA ALA B 32 1.91 35.23 16.88
C ALA B 32 3.00 35.71 17.83
N ALA B 33 3.73 36.75 17.45
CA ALA B 33 4.77 37.31 18.29
C ALA B 33 5.16 38.69 17.79
N MET B 34 5.52 39.56 18.72
CA MET B 34 6.05 40.87 18.41
C MET B 34 7.54 40.91 18.71
N GLY B 35 8.22 41.88 18.10
CA GLY B 35 9.65 42.02 18.32
C GLY B 35 10.16 43.44 18.16
N TRP B 36 11.07 43.84 19.03
CA TRP B 36 11.69 45.15 18.96
C TRP B 36 13.10 45.03 18.38
N PHE B 37 13.43 45.94 17.46
CA PHE B 37 14.73 45.99 16.82
C PHE B 37 15.24 47.43 16.85
N ARG B 38 16.56 47.57 16.78
CA ARG B 38 17.19 48.89 16.71
C ARG B 38 18.33 48.84 15.71
N GLN B 39 18.65 50.00 15.13
CA GLN B 39 19.72 50.10 14.15
C GLN B 39 20.38 51.47 14.28
N ALA B 40 21.63 51.49 14.69
CA ALA B 40 22.41 52.71 14.64
C ALA B 40 22.73 53.05 13.19
N PRO B 41 22.96 54.33 12.87
CA PRO B 41 23.24 54.68 11.47
C PRO B 41 24.43 53.95 10.87
N GLY B 42 25.59 54.00 11.53
CA GLY B 42 26.78 53.37 10.98
C GLY B 42 26.77 51.86 11.07
N LYS B 43 25.98 51.28 11.96
CA LYS B 43 25.94 49.85 12.17
C LYS B 43 24.72 49.25 11.46
N GLU B 44 24.52 47.95 11.66
CA GLU B 44 23.41 47.22 11.06
C GLU B 44 22.31 47.02 12.09
N ARG B 45 21.14 46.59 11.61
CA ARG B 45 20.03 46.27 12.51
C ARG B 45 20.43 45.13 13.44
N GLU B 46 19.97 45.22 14.69
CA GLU B 46 20.27 44.18 15.67
C GLU B 46 19.01 43.91 16.51
N PHE B 47 18.87 42.65 16.91
CA PHE B 47 17.70 42.21 17.66
C PHE B 47 17.77 42.74 19.10
N VAL B 48 16.61 43.12 19.64
CA VAL B 48 16.54 43.66 20.99
C VAL B 48 15.76 42.70 21.89
N ALA B 49 14.46 42.56 21.64
CA ALA B 49 13.62 41.71 22.46
C ALA B 49 12.38 41.31 21.68
N ALA B 50 11.79 40.19 22.07
CA ALA B 50 10.60 39.67 21.43
C ALA B 50 9.77 38.92 22.46
N ILE B 51 8.45 38.95 22.26
CA ILE B 51 7.52 38.31 23.18
C ILE B 51 6.46 37.57 22.38
N ARG B 52 6.12 36.36 22.81
CA ARG B 52 5.06 35.59 22.18
C ARG B 52 3.70 36.11 22.64
N TRP B 53 2.78 36.25 21.69
CA TRP B 53 1.46 36.78 22.01
C TRP B 53 0.72 35.85 22.97
N SER B 54 0.77 34.55 22.73
CA SER B 54 0.16 33.59 23.64
C SER B 54 1.12 33.29 24.78
N GLY B 55 0.58 33.19 25.99
CA GLY B 55 1.44 32.94 27.16
C GLY B 55 2.24 34.13 27.67
N GLY B 56 2.89 34.87 26.77
CA GLY B 56 3.63 36.06 27.17
C GLY B 56 5.09 35.86 27.48
N SER B 57 5.67 34.72 27.10
CA SER B 57 7.09 34.50 27.33
C SER B 57 7.91 35.47 26.48
N ALA B 58 9.04 35.90 27.04
CA ALA B 58 9.88 36.92 26.43
C ALA B 58 11.28 36.38 26.18
N TYR B 59 11.95 36.93 25.17
CA TYR B 59 13.32 36.59 24.86
C TYR B 59 14.07 37.89 24.58
N TYR B 60 15.19 38.09 25.27
CA TYR B 60 15.94 39.33 25.21
C TYR B 60 17.32 39.09 24.63
N ALA B 61 17.85 40.12 23.97
CA ALA B 61 19.25 40.10 23.57
C ALA B 61 20.14 40.30 24.79
N ASP B 62 21.38 39.80 24.70
CA ASP B 62 22.28 39.86 25.83
C ASP B 62 22.69 41.29 26.18
N SER B 63 22.63 42.21 25.22
CA SER B 63 23.04 43.60 25.49
C SER B 63 22.01 44.35 26.31
N VAL B 64 20.76 43.89 26.34
CA VAL B 64 19.70 44.56 27.08
C VAL B 64 19.11 43.69 28.18
N LYS B 65 19.58 42.45 28.33
CA LYS B 65 19.02 41.57 29.34
C LYS B 65 19.25 42.14 30.74
N GLY B 66 18.18 42.22 31.52
CA GLY B 66 18.21 42.78 32.85
C GLY B 66 17.83 44.24 32.92
N ARG B 67 18.04 45.00 31.85
CA ARG B 67 17.69 46.42 31.81
C ARG B 67 16.40 46.68 31.06
N PHE B 68 16.14 45.95 29.98
CA PHE B 68 14.93 46.15 29.19
C PHE B 68 13.88 45.11 29.51
N THR B 69 12.61 45.49 29.38
CA THR B 69 11.49 44.63 29.68
C THR B 69 10.42 44.83 28.62
N ILE B 70 10.01 43.75 27.95
CA ILE B 70 9.00 43.79 26.91
C ILE B 70 7.71 43.20 27.45
N SER B 71 6.58 43.76 27.03
CA SER B 71 5.28 43.33 27.49
C SER B 71 4.25 43.63 26.41
N ARG B 72 3.02 43.17 26.62
CA ARG B 72 1.97 43.39 25.65
C ARG B 72 0.61 43.27 26.34
N ASP B 73 -0.35 44.05 25.84
CA ASP B 73 -1.75 43.98 26.28
C ASP B 73 -2.54 43.41 25.11
N LYS B 74 -3.10 42.21 25.31
CA LYS B 74 -3.81 41.54 24.22
C LYS B 74 -5.08 42.28 23.84
N ALA B 75 -5.81 42.80 24.83
CA ALA B 75 -7.06 43.51 24.54
C ALA B 75 -6.80 44.78 23.74
N LYS B 76 -5.76 45.52 24.10
CA LYS B 76 -5.41 46.75 23.38
C LYS B 76 -4.52 46.48 22.18
N ASN B 77 -3.89 45.32 22.10
CA ASN B 77 -3.01 44.94 21.00
C ASN B 77 -1.90 45.98 20.81
N THR B 78 -1.01 46.01 21.80
CA THR B 78 0.12 46.94 21.79
C THR B 78 1.24 46.34 22.61
N VAL B 79 2.44 46.32 22.04
CA VAL B 79 3.64 45.81 22.71
C VAL B 79 4.41 46.99 23.28
N TYR B 80 4.86 46.84 24.52
CA TYR B 80 5.61 47.87 25.22
C TYR B 80 7.05 47.43 25.43
N LEU B 81 7.94 48.41 25.55
CA LEU B 81 9.35 48.16 25.78
C LEU B 81 9.85 49.12 26.84
N GLN B 82 10.06 48.61 28.05
CA GLN B 82 10.63 49.42 29.13
C GLN B 82 12.15 49.45 28.98
N MET B 83 12.72 50.65 29.05
CA MET B 83 14.16 50.85 28.81
C MET B 83 14.77 51.57 30.02
N ASN B 84 15.11 50.82 31.05
CA ASN B 84 15.76 51.35 32.23
C ASN B 84 17.28 51.39 32.04
N SER B 85 17.92 52.30 32.77
CA SER B 85 19.38 52.42 32.79
C SER B 85 19.94 52.61 31.37
N LEU B 86 19.48 53.66 30.71
CA LEU B 86 19.86 53.92 29.33
C LEU B 86 21.34 54.27 29.23
N LYS B 87 22.04 53.62 28.30
CA LYS B 87 23.44 53.87 28.03
C LYS B 87 23.59 54.60 26.70
N TYR B 88 24.79 55.15 26.49
CA TYR B 88 25.07 55.87 25.24
C TYR B 88 24.95 54.95 24.03
N GLU B 89 25.25 53.66 24.20
CA GLU B 89 25.17 52.71 23.10
C GLU B 89 23.74 52.35 22.73
N ASP B 90 22.75 52.75 23.54
CA ASP B 90 21.35 52.47 23.24
C ASP B 90 20.76 53.41 22.18
N THR B 91 21.49 54.46 21.80
CA THR B 91 20.99 55.42 20.83
C THR B 91 20.83 54.76 19.47
N ALA B 92 19.58 54.61 19.02
CA ALA B 92 19.28 54.01 17.73
C ALA B 92 17.81 54.27 17.41
N VAL B 93 17.42 53.91 16.20
CA VAL B 93 16.03 53.97 15.77
C VAL B 93 15.39 52.61 16.06
N TYR B 94 14.36 52.61 16.91
CA TYR B 94 13.75 51.38 17.39
C TYR B 94 12.52 51.05 16.58
N TYR B 95 12.54 49.90 15.90
CA TYR B 95 11.42 49.41 15.12
C TYR B 95 10.75 48.25 15.85
N CYS B 96 9.42 48.18 15.74
CA CYS B 96 8.67 47.02 16.21
C CYS B 96 8.19 46.22 15.02
N ALA B 97 8.16 44.89 15.18
CA ALA B 97 7.83 43.99 14.10
C ALA B 97 6.78 42.99 14.56
N GLN B 98 5.96 42.54 13.61
CA GLN B 98 4.88 41.61 13.87
C GLN B 98 4.99 40.41 12.94
N THR B 99 4.63 39.25 13.45
CA THR B 99 4.65 38.03 12.65
C THR B 99 3.49 37.14 13.05
N HIS B 100 3.05 36.29 12.13
CA HIS B 100 2.05 35.27 12.40
C HIS B 100 2.65 33.87 12.44
N TYR B 101 3.98 33.76 12.37
CA TYR B 101 4.64 32.47 12.42
C TYR B 101 4.77 32.01 13.87
N VAL B 102 4.33 30.79 14.14
CA VAL B 102 4.36 30.22 15.48
C VAL B 102 5.48 29.19 15.51
N SER B 103 6.57 29.52 16.18
CA SER B 103 7.69 28.61 16.36
C SER B 103 7.66 28.03 17.76
N TYR B 104 7.85 26.71 17.86
CA TYR B 104 7.88 26.08 19.17
C TYR B 104 9.03 26.59 20.02
N LEU B 105 10.11 27.04 19.38
CA LEU B 105 11.29 27.54 20.07
C LEU B 105 11.22 29.07 20.10
N LEU B 106 11.20 29.64 21.30
CA LEU B 106 11.06 31.08 21.43
C LEU B 106 12.27 31.83 20.88
N SER B 107 13.46 31.20 20.93
CA SER B 107 14.67 31.87 20.49
C SER B 107 14.71 32.09 18.98
N ASP B 108 13.83 31.42 18.22
CA ASP B 108 13.82 31.60 16.78
C ASP B 108 13.38 33.00 16.39
N TYR B 109 12.59 33.67 17.24
CA TYR B 109 12.11 35.00 16.92
C TYR B 109 13.20 36.06 16.94
N ALA B 110 14.40 35.72 17.39
CA ALA B 110 15.52 36.65 17.35
C ALA B 110 16.14 36.76 15.96
N THR B 111 15.98 35.73 15.13
CA THR B 111 16.53 35.71 13.78
C THR B 111 15.48 35.51 12.70
N TRP B 112 14.21 35.38 13.07
CA TRP B 112 13.16 35.12 12.08
C TRP B 112 12.78 36.42 11.37
N PRO B 113 12.68 36.41 10.04
CA PRO B 113 12.22 37.61 9.32
C PRO B 113 10.73 37.83 9.57
N TYR B 114 10.40 38.97 10.15
CA TYR B 114 9.02 39.26 10.51
C TYR B 114 8.22 39.70 9.28
N ASP B 115 6.90 39.78 9.46
CA ASP B 115 6.01 40.09 8.35
C ASP B 115 5.91 41.59 8.11
N TYR B 116 5.49 42.35 9.13
CA TYR B 116 5.29 43.79 9.02
C TYR B 116 6.22 44.53 9.96
N TRP B 117 6.60 45.73 9.56
CA TRP B 117 7.48 46.59 10.34
C TRP B 117 6.86 47.97 10.47
N GLY B 118 7.28 48.70 11.51
CA GLY B 118 6.86 50.06 11.71
C GLY B 118 7.87 51.06 11.17
N GLN B 119 7.44 52.32 11.08
CA GLN B 119 8.30 53.36 10.54
C GLN B 119 9.49 53.65 11.44
N GLY B 120 9.40 53.31 12.72
CA GLY B 120 10.51 53.49 13.63
C GLY B 120 10.42 54.79 14.41
N THR B 121 10.91 54.75 15.65
CA THR B 121 10.95 55.93 16.52
C THR B 121 12.40 56.16 16.95
N GLN B 122 12.76 57.43 17.06
CA GLN B 122 14.13 57.80 17.41
C GLN B 122 14.33 57.78 18.92
N VAL B 123 15.45 57.19 19.34
CA VAL B 123 15.84 57.16 20.75
C VAL B 123 17.28 57.65 20.83
N THR B 124 17.50 58.74 21.59
CA THR B 124 18.82 59.33 21.74
C THR B 124 19.13 59.46 23.22
N VAL B 125 20.28 58.92 23.63
CA VAL B 125 20.71 58.94 25.02
C VAL B 125 21.86 59.94 25.15
N SER B 126 21.72 60.84 26.11
CA SER B 126 22.76 61.85 26.38
C SER B 126 23.50 61.52 27.67
N GLU C 1 -27.64 -21.06 -8.51
CA GLU C 1 -27.30 -20.99 -9.93
C GLU C 1 -27.01 -19.55 -10.34
N VAL C 2 -25.82 -19.06 -10.00
CA VAL C 2 -25.39 -17.72 -10.38
C VAL C 2 -24.16 -17.86 -11.26
N GLN C 3 -24.21 -17.26 -12.46
CA GLN C 3 -23.14 -17.39 -13.44
C GLN C 3 -22.57 -16.03 -13.80
N LEU C 4 -21.25 -15.97 -13.91
CA LEU C 4 -20.53 -14.79 -14.37
C LEU C 4 -19.50 -15.24 -15.41
N VAL C 5 -19.45 -14.55 -16.54
CA VAL C 5 -18.61 -14.94 -17.67
C VAL C 5 -17.80 -13.72 -18.09
N GLU C 6 -16.49 -13.76 -17.85
CA GLU C 6 -15.60 -12.70 -18.29
C GLU C 6 -15.17 -12.92 -19.74
N SER C 7 -14.82 -11.83 -20.40
CA SER C 7 -14.34 -11.90 -21.78
C SER C 7 -13.59 -10.62 -22.09
N GLY C 8 -12.82 -10.66 -23.18
CA GLY C 8 -12.08 -9.51 -23.65
C GLY C 8 -10.60 -9.51 -23.38
N GLY C 9 -10.10 -10.52 -22.67
CA GLY C 9 -8.68 -10.56 -22.34
C GLY C 9 -7.83 -10.99 -23.51
N GLY C 10 -6.62 -10.44 -23.56
CA GLY C 10 -5.67 -10.79 -24.58
C GLY C 10 -4.28 -10.34 -24.23
N VAL C 11 -3.44 -10.22 -25.26
CA VAL C 11 -2.06 -9.78 -25.13
C VAL C 11 -1.97 -8.37 -25.68
N VAL C 12 -1.31 -7.48 -24.94
CA VAL C 12 -1.34 -6.06 -25.25
C VAL C 12 0.01 -5.46 -24.89
N GLN C 13 0.43 -4.45 -25.66
CA GLN C 13 1.68 -3.76 -25.41
C GLN C 13 1.50 -2.74 -24.29
N PRO C 14 2.59 -2.35 -23.62
CA PRO C 14 2.47 -1.35 -22.57
C PRO C 14 1.94 -0.03 -23.10
N GLY C 15 1.15 0.65 -22.27
CA GLY C 15 0.52 1.90 -22.64
C GLY C 15 -0.72 1.78 -23.49
N ARG C 16 -1.04 0.60 -24.01
CA ARG C 16 -2.24 0.44 -24.80
C ARG C 16 -3.45 0.20 -23.90
N SER C 17 -4.62 0.06 -24.53
CA SER C 17 -5.88 -0.05 -23.84
C SER C 17 -6.56 -1.38 -24.17
N LEU C 18 -7.32 -1.87 -23.19
CA LEU C 18 -8.09 -3.10 -23.35
C LEU C 18 -9.40 -2.96 -22.57
N ARG C 19 -10.44 -3.60 -23.07
CA ARG C 19 -11.80 -3.48 -22.53
C ARG C 19 -12.29 -4.86 -22.12
N LEU C 20 -12.46 -5.07 -20.83
CA LEU C 20 -13.01 -6.32 -20.31
C LEU C 20 -14.51 -6.20 -20.12
N SER C 21 -15.17 -7.35 -20.02
CA SER C 21 -16.61 -7.36 -19.84
C SER C 21 -17.03 -8.62 -19.10
N CYS C 22 -17.97 -8.46 -18.17
CA CYS C 22 -18.57 -9.55 -17.42
C CYS C 22 -20.02 -9.69 -17.83
N ALA C 23 -20.55 -10.91 -17.76
CA ALA C 23 -21.92 -11.19 -18.19
C ALA C 23 -22.63 -11.92 -17.05
N ALA C 24 -23.49 -11.21 -16.33
CA ALA C 24 -24.20 -11.77 -15.20
C ALA C 24 -25.48 -12.46 -15.67
N SER C 25 -25.94 -13.41 -14.87
CA SER C 25 -27.16 -14.16 -15.20
C SER C 25 -27.74 -14.78 -13.94
N ALA C 26 -29.07 -14.95 -13.95
CA ALA C 26 -29.84 -15.69 -12.95
C ALA C 26 -29.80 -15.04 -11.56
N PHE C 27 -29.61 -13.73 -11.51
CA PHE C 27 -29.82 -12.95 -10.30
C PHE C 27 -30.03 -11.51 -10.72
N THR C 28 -30.74 -10.75 -9.88
CA THR C 28 -31.00 -9.35 -10.18
C THR C 28 -29.68 -8.59 -10.17
N PHE C 29 -29.08 -8.45 -11.35
CA PHE C 29 -27.75 -7.87 -11.46
C PHE C 29 -27.74 -6.38 -11.12
N SER C 30 -28.82 -5.66 -11.41
CA SER C 30 -28.86 -4.22 -11.22
C SER C 30 -29.13 -3.82 -9.78
N SER C 31 -29.23 -4.77 -8.85
CA SER C 31 -29.48 -4.46 -7.45
C SER C 31 -28.32 -4.92 -6.56
N TYR C 32 -27.11 -4.97 -7.12
CA TYR C 32 -25.94 -5.41 -6.37
C TYR C 32 -24.72 -4.62 -6.83
N ASP C 33 -23.84 -4.32 -5.87
CA ASP C 33 -22.55 -3.73 -6.20
C ASP C 33 -21.64 -4.79 -6.78
N MET C 34 -20.91 -4.43 -7.84
CA MET C 34 -20.06 -5.37 -8.55
C MET C 34 -18.60 -4.98 -8.42
N HIS C 35 -17.73 -5.99 -8.37
CA HIS C 35 -16.30 -5.81 -8.15
C HIS C 35 -15.52 -6.41 -9.31
N TRP C 36 -14.27 -5.96 -9.44
CA TRP C 36 -13.26 -6.62 -10.26
C TRP C 36 -12.10 -7.00 -9.37
N VAL C 37 -11.58 -8.21 -9.56
CA VAL C 37 -10.46 -8.72 -8.78
C VAL C 37 -9.48 -9.41 -9.73
N ARG C 38 -8.20 -9.09 -9.60
CA ARG C 38 -7.18 -9.65 -10.48
C ARG C 38 -6.20 -10.49 -9.67
N GLN C 39 -5.49 -11.36 -10.37
CA GLN C 39 -4.50 -12.24 -9.75
C GLN C 39 -3.36 -12.43 -10.73
N ALA C 40 -2.18 -11.91 -10.38
CA ALA C 40 -1.01 -12.06 -11.23
C ALA C 40 -0.59 -13.53 -11.28
N PRO C 41 0.09 -13.96 -12.35
CA PRO C 41 0.56 -15.34 -12.42
C PRO C 41 1.50 -15.66 -11.27
N GLY C 42 1.07 -16.60 -10.42
CA GLY C 42 1.85 -17.03 -9.28
C GLY C 42 1.64 -16.22 -8.02
N LYS C 43 1.19 -14.97 -8.14
CA LYS C 43 0.98 -14.12 -6.98
C LYS C 43 -0.39 -14.40 -6.36
N GLY C 44 -0.84 -13.51 -5.49
CA GLY C 44 -2.11 -13.64 -4.82
C GLY C 44 -3.19 -12.79 -5.44
N LEU C 45 -4.26 -12.59 -4.67
CA LEU C 45 -5.42 -11.83 -5.14
C LEU C 45 -5.29 -10.36 -4.76
N GLU C 46 -5.77 -9.48 -5.64
CA GLU C 46 -5.71 -8.05 -5.43
C GLU C 46 -7.00 -7.41 -5.93
N TRP C 47 -7.77 -6.83 -5.02
CA TRP C 47 -9.00 -6.15 -5.40
C TRP C 47 -8.69 -4.96 -6.31
N VAL C 48 -9.59 -4.68 -7.24
CA VAL C 48 -9.33 -3.72 -8.29
C VAL C 48 -10.26 -2.51 -8.17
N ALA C 49 -11.55 -2.72 -8.37
CA ALA C 49 -12.49 -1.60 -8.43
C ALA C 49 -13.86 -2.04 -7.93
N VAL C 50 -14.75 -1.05 -7.79
CA VAL C 50 -16.12 -1.25 -7.33
C VAL C 50 -17.01 -0.22 -7.99
N ILE C 51 -18.18 -0.65 -8.44
CA ILE C 51 -19.21 0.25 -8.96
C ILE C 51 -20.51 -0.03 -8.22
N SER C 52 -21.24 1.03 -7.91
CA SER C 52 -22.50 0.89 -7.19
C SER C 52 -23.52 0.13 -8.05
N TYR C 53 -24.59 -0.31 -7.39
CA TYR C 53 -25.61 -1.10 -8.08
C TYR C 53 -26.30 -0.27 -9.17
N ASP C 54 -26.45 1.03 -8.95
CA ASP C 54 -27.05 1.91 -9.95
C ASP C 54 -26.03 2.51 -10.91
N GLY C 55 -24.74 2.21 -10.71
CA GLY C 55 -23.71 2.75 -11.58
C GLY C 55 -23.39 4.21 -11.35
N SER C 56 -23.59 4.69 -10.12
CA SER C 56 -23.32 6.09 -9.79
C SER C 56 -22.06 6.28 -8.97
N ASN C 57 -21.63 5.27 -8.23
CA ASN C 57 -20.41 5.32 -7.44
C ASN C 57 -19.35 4.44 -8.07
N LYS C 58 -18.15 4.97 -8.20
CA LYS C 58 -17.02 4.24 -8.76
C LYS C 58 -15.81 4.46 -7.87
N TYR C 59 -15.21 3.37 -7.42
CA TYR C 59 -14.05 3.43 -6.54
C TYR C 59 -12.98 2.48 -7.05
N TYR C 60 -11.72 2.85 -6.79
CA TYR C 60 -10.59 2.12 -7.34
C TYR C 60 -9.51 1.99 -6.28
N ALA C 61 -8.57 1.09 -6.53
CA ALA C 61 -7.39 0.97 -5.70
C ALA C 61 -6.35 2.00 -6.10
N ASP C 62 -5.46 2.33 -5.16
CA ASP C 62 -4.41 3.29 -5.44
C ASP C 62 -3.49 2.83 -6.56
N SER C 63 -3.44 1.52 -6.82
CA SER C 63 -2.58 0.99 -7.88
C SER C 63 -3.13 1.23 -9.28
N VAL C 64 -4.44 1.45 -9.41
CA VAL C 64 -5.07 1.63 -10.72
C VAL C 64 -5.88 2.91 -10.80
N LYS C 65 -5.93 3.72 -9.73
CA LYS C 65 -6.76 4.92 -9.75
C LYS C 65 -6.25 5.91 -10.79
N GLY C 66 -7.19 6.54 -11.49
CA GLY C 66 -6.85 7.42 -12.59
C GLY C 66 -6.35 6.71 -13.83
N ARG C 67 -6.34 5.38 -13.84
CA ARG C 67 -5.82 4.59 -14.94
C ARG C 67 -6.86 3.62 -15.50
N PHE C 68 -7.65 2.98 -14.64
CA PHE C 68 -8.75 2.13 -15.07
C PHE C 68 -10.07 2.86 -14.93
N THR C 69 -11.12 2.26 -15.48
CA THR C 69 -12.47 2.78 -15.34
C THR C 69 -13.44 1.61 -15.33
N ILE C 70 -14.39 1.63 -14.38
CA ILE C 70 -15.38 0.57 -14.24
C ILE C 70 -16.75 1.15 -14.55
N SER C 71 -17.53 0.42 -15.33
CA SER C 71 -18.87 0.83 -15.71
C SER C 71 -19.76 -0.40 -15.78
N ARG C 72 -21.05 -0.19 -16.01
CA ARG C 72 -22.00 -1.29 -16.10
C ARG C 72 -23.19 -0.87 -16.95
N ASP C 73 -23.80 -1.84 -17.59
CA ASP C 73 -25.01 -1.64 -18.39
C ASP C 73 -26.08 -2.58 -17.83
N ASN C 74 -26.94 -2.05 -16.96
CA ASN C 74 -27.95 -2.89 -16.32
C ASN C 74 -28.92 -3.48 -17.34
N SER C 75 -29.21 -2.74 -18.41
CA SER C 75 -30.14 -3.26 -19.42
C SER C 75 -29.58 -4.50 -20.10
N LYS C 76 -28.27 -4.56 -20.28
CA LYS C 76 -27.61 -5.72 -20.88
C LYS C 76 -27.05 -6.68 -19.85
N ASN C 77 -27.21 -6.37 -18.55
CA ASN C 77 -26.77 -7.24 -17.46
C ASN C 77 -25.28 -7.56 -17.58
N THR C 78 -24.47 -6.52 -17.74
CA THR C 78 -23.04 -6.68 -17.97
C THR C 78 -22.26 -5.70 -17.12
N LEU C 79 -21.00 -6.06 -16.86
CA LEU C 79 -20.09 -5.25 -16.06
C LEU C 79 -18.84 -5.00 -16.89
N TYR C 80 -18.48 -3.73 -17.07
CA TYR C 80 -17.38 -3.34 -17.93
C TYR C 80 -16.20 -2.85 -17.11
N LEU C 81 -15.00 -3.05 -17.64
CA LEU C 81 -13.76 -2.56 -17.02
C LEU C 81 -12.82 -2.13 -18.15
N GLN C 82 -12.80 -0.83 -18.44
CA GLN C 82 -11.89 -0.29 -19.45
C GLN C 82 -10.52 -0.07 -18.82
N MET C 83 -9.50 -0.70 -19.41
CA MET C 83 -8.13 -0.65 -18.89
C MET C 83 -7.28 0.21 -19.82
N ASN C 84 -7.13 1.49 -19.47
CA ASN C 84 -6.27 2.39 -20.21
C ASN C 84 -4.89 2.47 -19.59
N SER C 85 -3.90 2.78 -20.42
CA SER C 85 -2.51 2.95 -20.00
C SER C 85 -2.03 1.74 -19.20
N LEU C 86 -2.02 0.59 -19.88
CA LEU C 86 -1.66 -0.66 -19.24
C LEU C 86 -0.16 -0.77 -19.04
N ARG C 87 0.25 -1.14 -17.82
CA ARG C 87 1.64 -1.37 -17.48
C ARG C 87 1.89 -2.87 -17.26
N ALA C 88 3.15 -3.21 -17.04
CA ALA C 88 3.52 -4.61 -16.85
C ALA C 88 2.91 -5.18 -15.57
N GLU C 89 2.74 -4.33 -14.54
CA GLU C 89 2.16 -4.80 -13.29
C GLU C 89 0.73 -5.29 -13.44
N ASP C 90 0.02 -4.84 -14.48
CA ASP C 90 -1.36 -5.21 -14.68
C ASP C 90 -1.54 -6.62 -15.24
N THR C 91 -0.46 -7.30 -15.61
CA THR C 91 -0.56 -8.67 -16.11
C THR C 91 -1.12 -9.59 -15.04
N ALA C 92 -2.39 -9.98 -15.19
CA ALA C 92 -3.07 -10.78 -14.18
C ALA C 92 -4.28 -11.43 -14.81
N VAL C 93 -4.97 -12.24 -14.00
CA VAL C 93 -6.24 -12.87 -14.37
C VAL C 93 -7.35 -12.12 -13.64
N TYR C 94 -8.24 -11.48 -14.39
CA TYR C 94 -9.24 -10.59 -13.82
C TYR C 94 -10.56 -11.32 -13.63
N TYR C 95 -11.16 -11.15 -12.45
CA TYR C 95 -12.43 -11.77 -12.10
C TYR C 95 -13.47 -10.68 -11.83
N CYS C 96 -14.73 -11.00 -12.12
CA CYS C 96 -15.86 -10.22 -11.64
C CYS C 96 -16.56 -10.99 -10.53
N ALA C 97 -17.05 -10.26 -9.52
CA ALA C 97 -17.60 -10.90 -8.33
C ALA C 97 -18.80 -10.10 -7.83
N LYS C 98 -19.89 -10.81 -7.56
CA LYS C 98 -21.04 -10.22 -6.91
C LYS C 98 -20.74 -9.97 -5.44
N ASP C 99 -21.33 -8.89 -4.90
CA ASP C 99 -21.02 -8.48 -3.54
C ASP C 99 -21.72 -9.35 -2.50
N GLY C 100 -23.06 -9.39 -2.55
CA GLY C 100 -23.82 -10.08 -1.54
C GLY C 100 -24.61 -9.11 -0.68
N GLY C 101 -23.93 -8.06 -0.21
CA GLY C 101 -24.61 -6.99 0.50
C GLY C 101 -25.24 -7.37 1.82
N LYS C 102 -24.87 -8.52 2.39
CA LYS C 102 -25.43 -8.92 3.68
C LYS C 102 -24.78 -8.20 4.84
N LEU C 103 -23.62 -7.56 4.63
CA LEU C 103 -22.92 -6.81 5.66
C LEU C 103 -22.82 -5.36 5.24
N TRP C 104 -22.44 -4.51 6.19
CA TRP C 104 -22.15 -3.11 5.88
C TRP C 104 -20.95 -2.95 4.97
N VAL C 105 -20.17 -4.01 4.76
CA VAL C 105 -18.92 -3.94 4.03
C VAL C 105 -19.00 -4.87 2.83
N TYR C 106 -17.95 -4.81 2.00
CA TYR C 106 -17.87 -5.59 0.78
C TYR C 106 -17.25 -6.95 1.05
N TYR C 107 -17.96 -8.01 0.63
CA TYR C 107 -17.37 -9.33 0.49
C TYR C 107 -17.71 -9.83 -0.92
N PHE C 108 -17.22 -11.02 -1.25
CA PHE C 108 -17.32 -11.55 -2.61
C PHE C 108 -18.18 -12.81 -2.59
N ASP C 109 -19.40 -12.70 -3.11
CA ASP C 109 -20.37 -13.79 -3.01
C ASP C 109 -20.07 -14.90 -4.01
N TYR C 110 -20.10 -14.58 -5.30
CA TYR C 110 -19.82 -15.56 -6.36
C TYR C 110 -18.80 -14.99 -7.33
N TRP C 111 -17.92 -15.86 -7.81
CA TRP C 111 -16.81 -15.47 -8.66
C TRP C 111 -17.00 -16.03 -10.07
N GLY C 112 -16.59 -15.24 -11.07
CA GLY C 112 -16.49 -15.76 -12.41
C GLY C 112 -15.20 -16.53 -12.60
N GLN C 113 -15.07 -17.15 -13.78
CA GLN C 113 -13.90 -17.97 -14.05
C GLN C 113 -12.69 -17.16 -14.45
N GLY C 114 -12.85 -15.89 -14.79
CA GLY C 114 -11.72 -15.02 -15.05
C GLY C 114 -11.28 -15.03 -16.50
N THR C 115 -10.64 -13.94 -16.90
CA THR C 115 -10.06 -13.80 -18.22
C THR C 115 -8.61 -13.34 -18.08
N LEU C 116 -7.74 -13.92 -18.91
CA LEU C 116 -6.31 -13.64 -18.82
C LEU C 116 -5.98 -12.34 -19.55
N VAL C 117 -5.21 -11.47 -18.89
CA VAL C 117 -4.74 -10.22 -19.47
C VAL C 117 -3.23 -10.17 -19.26
N THR C 118 -2.48 -10.19 -20.37
CA THR C 118 -1.03 -10.19 -20.34
C THR C 118 -0.51 -8.92 -21.00
N VAL C 119 0.34 -8.18 -20.28
CA VAL C 119 0.94 -6.95 -20.77
C VAL C 119 2.42 -7.20 -20.95
N SER C 120 2.88 -7.16 -22.20
CA SER C 120 4.30 -7.34 -22.51
C SER C 120 4.63 -6.58 -23.79
N SER C 121 5.91 -6.28 -23.96
CA SER C 121 6.41 -5.53 -25.10
C SER C 121 7.23 -6.42 -26.04
N ALA C 122 6.78 -7.66 -26.23
CA ALA C 122 7.46 -8.61 -27.09
C ALA C 122 6.47 -9.18 -28.09
N SER C 123 6.97 -9.48 -29.30
CA SER C 123 6.13 -10.06 -30.33
C SER C 123 6.07 -11.58 -30.18
N THR C 124 5.13 -12.18 -30.91
CA THR C 124 4.97 -13.62 -30.86
C THR C 124 6.16 -14.31 -31.52
N LYS C 125 6.84 -15.18 -30.77
CA LYS C 125 8.02 -15.88 -31.24
C LYS C 125 7.81 -17.38 -31.10
N GLY C 126 8.33 -18.14 -32.06
CA GLY C 126 8.26 -19.58 -32.03
C GLY C 126 9.27 -20.19 -31.08
N PRO C 127 8.90 -21.29 -30.45
CA PRO C 127 9.80 -21.92 -29.48
C PRO C 127 10.96 -22.64 -30.15
N SER C 128 12.10 -22.65 -29.47
CA SER C 128 13.25 -23.45 -29.88
C SER C 128 13.32 -24.68 -28.98
N VAL C 129 13.21 -25.85 -29.60
CA VAL C 129 13.17 -27.11 -28.86
C VAL C 129 14.53 -27.78 -28.96
N PHE C 130 15.09 -28.15 -27.81
CA PHE C 130 16.40 -28.79 -27.71
C PHE C 130 16.27 -30.09 -26.94
N PRO C 131 17.04 -31.10 -27.32
CA PRO C 131 16.99 -32.38 -26.61
C PRO C 131 17.78 -32.35 -25.31
N LEU C 132 17.43 -33.28 -24.42
CA LEU C 132 18.12 -33.48 -23.15
C LEU C 132 18.59 -34.93 -23.13
N ALA C 133 19.79 -35.18 -23.66
CA ALA C 133 20.29 -36.54 -23.79
C ALA C 133 20.64 -37.12 -22.42
N PRO C 134 20.25 -38.35 -22.14
CA PRO C 134 20.61 -39.00 -20.88
C PRO C 134 22.01 -39.61 -20.97
N SER C 135 22.39 -40.32 -19.90
CA SER C 135 23.66 -41.02 -19.87
C SER C 135 23.49 -42.25 -18.98
N SER C 136 24.59 -42.97 -18.77
CA SER C 136 24.58 -44.16 -17.94
C SER C 136 24.97 -43.83 -16.51
N GLY C 142 17.98 -48.67 -10.94
CA GLY C 142 18.78 -47.65 -11.59
C GLY C 142 18.30 -47.34 -13.00
N THR C 143 17.45 -46.33 -13.12
CA THR C 143 16.89 -45.92 -14.40
C THR C 143 17.58 -44.65 -14.88
N ALA C 144 17.02 -44.02 -15.92
CA ALA C 144 17.56 -42.80 -16.48
C ALA C 144 16.39 -41.86 -16.82
N ALA C 145 16.73 -40.66 -17.28
CA ALA C 145 15.71 -39.66 -17.59
C ALA C 145 16.20 -38.77 -18.72
N LEU C 146 15.27 -38.34 -19.56
CA LEU C 146 15.55 -37.44 -20.66
C LEU C 146 14.37 -36.50 -20.84
N GLY C 147 14.53 -35.51 -21.70
CA GLY C 147 13.44 -34.58 -21.93
C GLY C 147 13.73 -33.62 -23.07
N CYS C 148 12.87 -32.61 -23.18
CA CYS C 148 12.99 -31.57 -24.18
C CYS C 148 12.96 -30.20 -23.49
N LEU C 149 13.70 -29.25 -24.07
CA LEU C 149 13.79 -27.90 -23.54
C LEU C 149 13.12 -26.94 -24.51
N VAL C 150 11.95 -26.43 -24.12
CA VAL C 150 11.21 -25.45 -24.91
C VAL C 150 11.62 -24.07 -24.40
N LYS C 151 12.53 -23.42 -25.13
CA LYS C 151 13.12 -22.16 -24.70
C LYS C 151 12.80 -21.05 -25.71
N ASP C 152 12.67 -19.83 -25.18
CA ASP C 152 12.53 -18.60 -25.96
C ASP C 152 11.26 -18.64 -26.82
N TYR C 153 10.14 -18.39 -26.15
CA TYR C 153 8.85 -18.31 -26.84
C TYR C 153 7.94 -17.34 -26.09
N PHE C 154 6.91 -16.89 -26.81
CA PHE C 154 5.93 -15.93 -26.30
C PHE C 154 4.76 -15.88 -27.28
N PRO C 155 3.51 -15.89 -26.80
CA PRO C 155 3.15 -15.96 -25.38
C PRO C 155 2.81 -17.39 -24.93
N GLU C 156 2.09 -17.49 -23.82
CA GLU C 156 1.61 -18.77 -23.32
C GLU C 156 0.36 -19.20 -24.10
N PRO C 157 0.09 -20.50 -24.19
CA PRO C 157 0.94 -21.60 -23.71
C PRO C 157 1.54 -22.43 -24.86
N VAL C 158 2.21 -23.52 -24.50
CA VAL C 158 2.71 -24.50 -25.47
C VAL C 158 2.26 -25.88 -25.02
N THR C 159 1.82 -26.70 -25.97
CA THR C 159 1.39 -28.06 -25.69
C THR C 159 2.53 -29.02 -26.01
N VAL C 160 2.86 -29.88 -25.05
CA VAL C 160 3.98 -30.80 -25.18
C VAL C 160 3.47 -32.21 -24.89
N SER C 161 3.69 -33.12 -25.85
CA SER C 161 3.40 -34.52 -25.68
C SER C 161 4.60 -35.34 -26.14
N TRP C 162 4.71 -36.55 -25.60
CA TRP C 162 5.82 -37.44 -25.89
C TRP C 162 5.33 -38.65 -26.69
N ASN C 163 6.07 -38.99 -27.75
CA ASN C 163 5.72 -40.09 -28.64
C ASN C 163 4.29 -39.94 -29.19
N SER C 164 3.92 -38.71 -29.56
CA SER C 164 2.62 -38.43 -30.16
C SER C 164 1.48 -38.89 -29.26
N GLY C 165 1.65 -38.72 -27.96
CA GLY C 165 0.64 -39.10 -27.00
C GLY C 165 0.72 -40.53 -26.49
N ALA C 166 1.67 -41.31 -26.99
CA ALA C 166 1.78 -42.71 -26.55
C ALA C 166 2.45 -42.80 -25.18
N LEU C 167 3.40 -41.91 -24.88
CA LEU C 167 4.14 -41.95 -23.63
C LEU C 167 3.41 -41.07 -22.62
N THR C 168 2.86 -41.71 -21.58
CA THR C 168 2.05 -41.00 -20.58
C THR C 168 2.63 -41.14 -19.18
N SER C 169 2.82 -42.36 -18.69
CA SER C 169 3.32 -42.56 -17.33
C SER C 169 4.80 -42.17 -17.25
N GLY C 170 5.14 -41.47 -16.18
CA GLY C 170 6.50 -41.03 -15.95
C GLY C 170 6.89 -39.74 -16.63
N VAL C 171 5.93 -38.99 -17.15
CA VAL C 171 6.21 -37.73 -17.85
C VAL C 171 5.95 -36.57 -16.89
N HIS C 172 6.82 -35.56 -16.95
CA HIS C 172 6.69 -34.36 -16.15
C HIS C 172 6.90 -33.15 -17.05
N THR C 173 5.90 -32.27 -17.09
CA THR C 173 5.99 -31.01 -17.84
C THR C 173 5.89 -29.87 -16.84
N PHE C 174 6.97 -29.11 -16.70
CA PHE C 174 7.06 -28.08 -15.69
C PHE C 174 6.41 -26.78 -16.16
N PRO C 175 5.88 -25.98 -15.23
CA PRO C 175 5.36 -24.66 -15.61
C PRO C 175 6.47 -23.78 -16.20
N ALA C 176 6.07 -22.94 -17.15
CA ALA C 176 7.01 -22.04 -17.79
C ALA C 176 7.53 -21.01 -16.80
N VAL C 177 8.63 -20.35 -17.17
CA VAL C 177 9.24 -19.30 -16.35
C VAL C 177 9.58 -18.13 -17.26
N LEU C 178 9.14 -16.93 -16.88
CA LEU C 178 9.36 -15.73 -17.68
C LEU C 178 10.78 -15.24 -17.41
N GLN C 179 11.69 -15.54 -18.35
CA GLN C 179 13.06 -15.08 -18.22
C GLN C 179 13.15 -13.58 -18.54
N SER C 180 14.30 -13.00 -18.20
CA SER C 180 14.46 -11.54 -18.27
C SER C 180 14.31 -11.00 -19.69
N SER C 181 14.46 -11.85 -20.71
CA SER C 181 14.29 -11.40 -22.09
C SER C 181 12.85 -11.13 -22.45
N GLY C 182 11.90 -11.39 -21.54
CA GLY C 182 10.50 -11.27 -21.84
C GLY C 182 9.86 -12.51 -22.43
N LEU C 183 10.66 -13.43 -22.93
CA LEU C 183 10.18 -14.67 -23.51
C LEU C 183 10.03 -15.73 -22.41
N TYR C 184 9.52 -16.89 -22.79
CA TYR C 184 9.23 -17.97 -21.84
C TYR C 184 10.12 -19.17 -22.13
N SER C 185 10.51 -19.86 -21.07
CA SER C 185 11.29 -21.08 -21.14
C SER C 185 10.58 -22.17 -20.36
N LEU C 186 10.51 -23.36 -20.95
CA LEU C 186 9.75 -24.46 -20.38
C LEU C 186 10.57 -25.75 -20.46
N SER C 187 10.42 -26.59 -19.46
CA SER C 187 11.10 -27.88 -19.39
C SER C 187 10.08 -29.00 -19.32
N SER C 188 10.35 -30.08 -20.04
CA SER C 188 9.53 -31.28 -20.01
C SER C 188 10.44 -32.48 -20.08
N VAL C 189 10.30 -33.41 -19.12
CA VAL C 189 11.15 -34.57 -19.02
C VAL C 189 10.29 -35.82 -18.88
N VAL C 190 10.95 -36.98 -18.99
CA VAL C 190 10.30 -38.27 -18.82
C VAL C 190 11.37 -39.28 -18.43
N THR C 191 11.03 -40.11 -17.44
CA THR C 191 11.96 -41.12 -16.93
C THR C 191 11.56 -42.49 -17.49
N VAL C 192 12.51 -43.15 -18.13
CA VAL C 192 12.28 -44.47 -18.72
C VAL C 192 13.30 -45.43 -18.11
N PRO C 193 13.04 -46.74 -18.16
CA PRO C 193 14.04 -47.70 -17.70
C PRO C 193 15.34 -47.56 -18.50
N SER C 194 16.47 -47.74 -17.81
CA SER C 194 17.77 -47.57 -18.43
C SER C 194 18.04 -48.63 -19.51
N SER C 195 17.26 -49.72 -19.52
CA SER C 195 17.48 -50.77 -20.51
C SER C 195 17.03 -50.32 -21.90
N SER C 196 15.78 -49.88 -22.03
CA SER C 196 15.22 -49.47 -23.32
C SER C 196 15.69 -48.05 -23.62
N LEU C 197 16.93 -47.96 -24.10
CA LEU C 197 17.51 -46.67 -24.49
C LEU C 197 18.06 -46.66 -25.90
N GLY C 198 18.09 -47.78 -26.60
CA GLY C 198 18.55 -47.81 -27.98
C GLY C 198 17.47 -48.29 -28.92
N THR C 199 16.56 -49.13 -28.42
CA THR C 199 15.48 -49.65 -29.24
C THR C 199 14.31 -48.67 -29.30
N GLN C 200 13.82 -48.22 -28.16
CA GLN C 200 12.66 -47.34 -28.13
C GLN C 200 13.06 -45.93 -28.55
N THR C 201 12.30 -45.37 -29.49
CA THR C 201 12.55 -44.02 -29.98
C THR C 201 11.69 -43.03 -29.20
N TYR C 202 12.30 -41.92 -28.78
CA TYR C 202 11.63 -40.90 -27.99
C TYR C 202 11.64 -39.58 -28.76
N ILE C 203 10.45 -39.05 -29.04
CA ILE C 203 10.29 -37.80 -29.76
C ILE C 203 9.24 -36.97 -29.04
N CYS C 204 9.60 -35.74 -28.66
CA CYS C 204 8.65 -34.84 -28.01
C CYS C 204 7.92 -34.01 -29.05
N ASN C 205 6.62 -33.84 -28.84
CA ASN C 205 5.74 -33.14 -29.78
C ASN C 205 5.38 -31.79 -29.18
N VAL C 206 6.01 -30.74 -29.69
CA VAL C 206 5.79 -29.37 -29.22
C VAL C 206 4.91 -28.64 -30.21
N ASN C 207 3.92 -27.91 -29.70
CA ASN C 207 2.99 -27.15 -30.52
C ASN C 207 2.70 -25.82 -29.83
N HIS C 208 2.87 -24.72 -30.57
CA HIS C 208 2.65 -23.37 -30.07
C HIS C 208 1.64 -22.69 -31.00
N LYS C 209 0.36 -22.84 -30.69
CA LYS C 209 -0.68 -22.26 -31.54
C LYS C 209 -0.60 -20.75 -31.68
N PRO C 210 -0.28 -19.96 -30.64
CA PRO C 210 -0.15 -18.51 -30.85
C PRO C 210 0.82 -18.14 -31.96
N SER C 211 1.95 -18.85 -32.07
CA SER C 211 2.88 -18.63 -33.17
C SER C 211 2.67 -19.57 -34.34
N ASN C 212 1.76 -20.54 -34.21
CA ASN C 212 1.52 -21.56 -35.23
C ASN C 212 2.81 -22.30 -35.58
N THR C 213 3.34 -22.99 -34.58
CA THR C 213 4.61 -23.69 -34.71
C THR C 213 4.49 -25.07 -34.09
N LYS C 214 4.61 -26.11 -34.91
CA LYS C 214 4.69 -27.49 -34.45
C LYS C 214 6.09 -28.02 -34.70
N VAL C 215 6.64 -28.73 -33.72
CA VAL C 215 8.03 -29.18 -33.79
C VAL C 215 8.13 -30.55 -33.12
N ASP C 216 8.79 -31.48 -33.80
CA ASP C 216 9.14 -32.79 -33.26
C ASP C 216 10.65 -32.91 -33.24
N LYS C 217 11.21 -33.24 -32.08
CA LYS C 217 12.65 -33.32 -31.90
C LYS C 217 13.06 -34.74 -31.53
N ARG C 218 14.10 -35.24 -32.19
CA ARG C 218 14.66 -36.54 -31.83
C ARG C 218 15.53 -36.41 -30.59
N VAL C 219 15.30 -37.28 -29.61
CA VAL C 219 16.04 -37.26 -28.35
C VAL C 219 16.75 -38.60 -28.22
N GLU C 220 18.06 -38.60 -28.41
CA GLU C 220 18.89 -39.78 -28.33
C GLU C 220 20.07 -39.52 -27.40
N PRO C 221 20.60 -40.56 -26.75
CA PRO C 221 21.63 -40.34 -25.73
C PRO C 221 22.92 -39.78 -26.30
N LYS C 222 23.67 -39.12 -25.42
CA LYS C 222 24.96 -38.57 -25.81
C LYS C 222 25.91 -39.69 -26.22
N SER C 223 26.72 -39.42 -27.24
CA SER C 223 27.61 -40.42 -27.82
C SER C 223 29.05 -40.00 -27.61
N CYS C 224 29.83 -40.87 -26.97
CA CYS C 224 31.27 -40.67 -26.83
C CYS C 224 31.96 -42.00 -26.48
N ASP D 1 -1.05 1.02 4.87
CA ASP D 1 -2.18 0.18 4.53
C ASP D 1 -2.28 -1.01 5.48
N ILE D 2 -3.27 -1.88 5.25
CA ILE D 2 -3.49 -3.05 6.09
C ILE D 2 -2.89 -4.26 5.41
N GLN D 3 -1.95 -4.92 6.09
CA GLN D 3 -1.35 -6.16 5.61
C GLN D 3 -1.97 -7.34 6.35
N MET D 4 -2.23 -8.42 5.60
CA MET D 4 -2.83 -9.63 6.15
C MET D 4 -1.78 -10.73 6.11
N THR D 5 -1.25 -11.09 7.28
CA THR D 5 -0.26 -12.15 7.40
C THR D 5 -0.97 -13.46 7.69
N GLN D 6 -0.72 -14.47 6.86
CA GLN D 6 -1.37 -15.76 6.98
C GLN D 6 -0.32 -16.84 7.19
N SER D 7 -0.40 -17.51 8.34
CA SER D 7 0.54 -18.56 8.70
C SER D 7 -0.23 -19.81 9.11
N PRO D 8 0.31 -21.01 8.82
CA PRO D 8 1.59 -21.23 8.14
C PRO D 8 1.52 -21.00 6.64
N SER D 9 2.66 -20.79 5.99
CA SER D 9 2.68 -20.57 4.55
C SER D 9 2.18 -21.80 3.80
N SER D 10 2.44 -23.00 4.35
CA SER D 10 2.01 -24.25 3.73
C SER D 10 2.12 -25.36 4.77
N LEU D 11 1.03 -26.11 4.94
CA LEU D 11 0.99 -27.18 5.92
C LEU D 11 0.71 -28.50 5.24
N SER D 12 1.13 -29.58 5.88
CA SER D 12 0.95 -30.94 5.40
C SER D 12 0.05 -31.70 6.37
N ALA D 13 -1.03 -32.26 5.84
CA ALA D 13 -1.98 -33.00 6.67
C ALA D 13 -2.71 -34.03 5.82
N SER D 14 -3.17 -35.10 6.47
CA SER D 14 -3.88 -36.18 5.81
C SER D 14 -5.38 -36.02 5.99
N VAL D 15 -6.14 -36.96 5.40
CA VAL D 15 -7.59 -36.87 5.43
C VAL D 15 -8.12 -37.19 6.83
N GLY D 16 -9.08 -36.40 7.29
CA GLY D 16 -9.69 -36.59 8.58
C GLY D 16 -9.08 -35.78 9.71
N ASP D 17 -7.97 -35.09 9.45
CA ASP D 17 -7.30 -34.33 10.50
C ASP D 17 -7.99 -32.99 10.72
N ARG D 18 -7.89 -32.50 11.95
CA ARG D 18 -8.46 -31.20 12.32
C ARG D 18 -7.51 -30.11 11.84
N VAL D 19 -7.78 -29.59 10.66
CA VAL D 19 -6.93 -28.58 10.04
C VAL D 19 -7.35 -27.20 10.54
N THR D 20 -6.38 -26.39 10.93
CA THR D 20 -6.62 -25.03 11.42
C THR D 20 -5.62 -24.08 10.77
N ILE D 21 -6.13 -22.97 10.23
CA ILE D 21 -5.32 -21.97 9.56
C ILE D 21 -5.50 -20.63 10.27
N THR D 22 -4.40 -19.92 10.47
CA THR D 22 -4.40 -18.67 11.22
C THR D 22 -4.23 -17.49 10.27
N CYS D 23 -5.00 -16.43 10.51
CA CYS D 23 -4.93 -15.19 9.74
C CYS D 23 -4.79 -14.03 10.73
N ARG D 24 -3.70 -13.27 10.58
CA ARG D 24 -3.41 -12.15 11.47
C ARG D 24 -3.34 -10.86 10.68
N ALA D 25 -3.94 -9.81 11.22
CA ALA D 25 -3.99 -8.50 10.57
C ALA D 25 -3.05 -7.52 11.25
N SER D 26 -2.57 -6.55 10.48
CA SER D 26 -1.64 -5.56 11.01
C SER D 26 -2.31 -4.67 12.05
N GLN D 27 -3.59 -4.34 11.86
CA GLN D 27 -4.33 -3.57 12.86
C GLN D 27 -5.67 -4.23 13.15
N SER D 28 -6.54 -3.53 13.89
CA SER D 28 -7.79 -4.11 14.33
C SER D 28 -8.83 -4.08 13.21
N ILE D 29 -9.43 -5.24 12.95
CA ILE D 29 -10.63 -5.36 12.14
C ILE D 29 -11.68 -6.05 13.00
N SER D 30 -12.84 -5.41 13.14
CA SER D 30 -13.87 -5.86 14.08
C SER D 30 -14.21 -7.33 13.88
N SER D 31 -14.90 -7.63 12.78
CA SER D 31 -15.15 -9.01 12.39
C SER D 31 -15.40 -9.06 10.89
N TYR D 32 -14.65 -8.29 10.14
CA TYR D 32 -14.80 -8.21 8.69
C TYR D 32 -13.65 -8.96 8.02
N LEU D 33 -13.53 -10.24 8.39
CA LEU D 33 -12.53 -11.14 7.84
C LEU D 33 -13.25 -12.26 7.10
N ASN D 34 -12.80 -12.54 5.88
CA ASN D 34 -13.45 -13.51 5.02
C ASN D 34 -12.46 -14.59 4.60
N TRP D 35 -12.96 -15.80 4.36
CA TRP D 35 -12.15 -16.95 4.00
C TRP D 35 -12.58 -17.48 2.66
N TYR D 36 -11.63 -17.66 1.74
CA TYR D 36 -11.89 -18.16 0.40
C TYR D 36 -11.09 -19.43 0.15
N GLN D 37 -11.55 -20.19 -0.86
CA GLN D 37 -10.87 -21.39 -1.32
C GLN D 37 -10.61 -21.27 -2.81
N GLN D 38 -9.44 -21.72 -3.25
CA GLN D 38 -9.09 -21.68 -4.67
C GLN D 38 -8.35 -22.96 -5.05
N LYS D 39 -8.98 -23.79 -5.87
CA LYS D 39 -8.29 -24.93 -6.45
C LYS D 39 -7.31 -24.46 -7.51
N PRO D 40 -6.27 -25.25 -7.79
CA PRO D 40 -5.32 -24.86 -8.85
C PRO D 40 -6.01 -24.73 -10.19
N GLY D 41 -5.86 -23.56 -10.81
CA GLY D 41 -6.49 -23.23 -12.08
C GLY D 41 -7.91 -22.69 -11.98
N LYS D 42 -8.71 -23.24 -11.06
CA LYS D 42 -10.09 -22.81 -10.90
C LYS D 42 -10.15 -21.45 -10.20
N ALA D 43 -11.37 -20.91 -10.14
CA ALA D 43 -11.66 -19.60 -9.57
C ALA D 43 -11.84 -19.70 -8.06
N PRO D 44 -11.71 -18.58 -7.35
CA PRO D 44 -11.93 -18.60 -5.90
C PRO D 44 -13.39 -18.88 -5.55
N LYS D 45 -13.60 -19.38 -4.34
CA LYS D 45 -14.93 -19.73 -3.86
C LYS D 45 -15.06 -19.32 -2.40
N LEU D 46 -16.10 -18.55 -2.09
CA LEU D 46 -16.29 -18.03 -0.75
C LEU D 46 -16.71 -19.13 0.23
N LEU D 47 -16.03 -19.20 1.36
CA LEU D 47 -16.34 -20.15 2.41
C LEU D 47 -16.94 -19.47 3.63
N ILE D 48 -16.19 -18.58 4.27
CA ILE D 48 -16.62 -17.87 5.48
C ILE D 48 -16.56 -16.38 5.20
N TYR D 49 -17.63 -15.67 5.58
CA TYR D 49 -17.66 -14.22 5.52
C TYR D 49 -18.00 -13.68 6.90
N ALA D 50 -17.40 -12.54 7.26
CA ALA D 50 -17.56 -11.92 8.58
C ALA D 50 -17.19 -12.91 9.69
N ALA D 51 -15.89 -13.14 9.81
CA ALA D 51 -15.30 -13.93 10.87
C ALA D 51 -15.79 -15.38 10.89
N SER D 52 -17.07 -15.59 11.18
CA SER D 52 -17.58 -16.94 11.39
C SER D 52 -19.04 -17.06 10.97
N SER D 53 -19.35 -16.65 9.74
CA SER D 53 -20.67 -16.86 9.16
C SER D 53 -20.52 -17.75 7.93
N LEU D 54 -21.11 -18.93 8.00
CA LEU D 54 -20.95 -19.93 6.94
C LEU D 54 -21.79 -19.54 5.73
N GLN D 55 -21.16 -19.58 4.55
CA GLN D 55 -21.85 -19.26 3.32
C GLN D 55 -22.79 -20.39 2.93
N SER D 56 -23.94 -20.03 2.35
CA SER D 56 -24.91 -21.02 1.92
C SER D 56 -24.30 -21.95 0.87
N GLY D 57 -24.43 -23.25 1.09
CA GLY D 57 -23.88 -24.24 0.18
C GLY D 57 -22.48 -24.69 0.48
N VAL D 58 -21.96 -24.39 1.66
CA VAL D 58 -20.62 -24.81 2.08
C VAL D 58 -20.77 -25.85 3.19
N PRO D 59 -20.04 -26.96 3.14
CA PRO D 59 -20.23 -28.02 4.14
C PRO D 59 -20.04 -27.51 5.56
N SER D 60 -20.73 -28.16 6.50
CA SER D 60 -20.72 -27.75 7.90
C SER D 60 -19.37 -27.99 8.58
N ARG D 61 -18.49 -28.78 7.97
CA ARG D 61 -17.19 -29.04 8.58
C ARG D 61 -16.27 -27.83 8.58
N PHE D 62 -16.61 -26.79 7.81
CA PHE D 62 -15.83 -25.56 7.80
C PHE D 62 -16.38 -24.59 8.85
N SER D 63 -15.48 -23.97 9.60
CA SER D 63 -15.88 -23.06 10.66
C SER D 63 -14.78 -22.05 10.92
N GLY D 64 -15.17 -20.80 11.12
CA GLY D 64 -14.25 -19.73 11.45
C GLY D 64 -14.46 -19.25 12.88
N SER D 65 -13.56 -18.36 13.30
CA SER D 65 -13.59 -17.79 14.64
C SER D 65 -12.59 -16.63 14.68
N GLY D 66 -12.49 -16.01 15.85
CA GLY D 66 -11.54 -14.94 16.05
C GLY D 66 -12.17 -13.57 15.89
N SER D 67 -11.64 -12.60 16.63
CA SER D 67 -12.11 -11.22 16.58
C SER D 67 -10.95 -10.29 16.89
N GLY D 68 -10.85 -9.21 16.11
CA GLY D 68 -9.80 -8.23 16.31
C GLY D 68 -8.68 -8.34 15.31
N THR D 69 -7.67 -9.15 15.61
CA THR D 69 -6.52 -9.35 14.72
C THR D 69 -6.22 -10.82 14.47
N ASP D 70 -6.38 -11.68 15.48
CA ASP D 70 -6.06 -13.10 15.35
C ASP D 70 -7.33 -13.87 15.00
N PHE D 71 -7.42 -14.32 13.75
CA PHE D 71 -8.58 -15.07 13.26
C PHE D 71 -8.18 -16.51 12.96
N THR D 72 -9.17 -17.37 12.86
CA THR D 72 -8.95 -18.80 12.69
C THR D 72 -9.98 -19.38 11.74
N LEU D 73 -9.54 -20.36 10.94
CA LEU D 73 -10.42 -21.17 10.10
C LEU D 73 -10.12 -22.63 10.39
N THR D 74 -11.16 -23.40 10.72
CA THR D 74 -11.00 -24.77 11.18
C THR D 74 -11.82 -25.72 10.34
N ILE D 75 -11.18 -26.76 9.83
CA ILE D 75 -11.87 -27.88 9.19
C ILE D 75 -11.88 -29.04 10.18
N SER D 76 -13.07 -29.39 10.66
CA SER D 76 -13.18 -30.41 11.70
C SER D 76 -12.62 -31.74 11.23
N SER D 77 -13.09 -32.23 10.09
CA SER D 77 -12.61 -33.47 9.51
C SER D 77 -12.30 -33.21 8.04
N LEU D 78 -11.03 -33.33 7.67
CA LEU D 78 -10.61 -33.05 6.31
C LEU D 78 -11.16 -34.09 5.34
N GLN D 79 -11.54 -33.64 4.15
CA GLN D 79 -12.06 -34.49 3.09
C GLN D 79 -11.25 -34.29 1.83
N PRO D 80 -11.21 -35.30 0.95
CA PRO D 80 -10.30 -35.23 -0.22
C PRO D 80 -10.53 -34.01 -1.10
N GLU D 81 -11.77 -33.54 -1.24
CA GLU D 81 -12.07 -32.40 -2.10
C GLU D 81 -11.72 -31.05 -1.44
N ASP D 82 -10.95 -31.07 -0.34
CA ASP D 82 -10.63 -29.85 0.38
C ASP D 82 -9.16 -29.48 0.28
N PHE D 83 -8.39 -30.17 -0.56
CA PHE D 83 -6.97 -29.85 -0.74
C PHE D 83 -6.84 -28.69 -1.71
N ALA D 84 -6.71 -27.49 -1.17
CA ALA D 84 -6.56 -26.29 -1.99
C ALA D 84 -5.90 -25.20 -1.15
N THR D 85 -5.61 -24.08 -1.80
CA THR D 85 -5.00 -22.93 -1.14
C THR D 85 -6.11 -22.04 -0.60
N TYR D 86 -6.06 -21.76 0.70
CA TYR D 86 -7.09 -20.97 1.37
C TYR D 86 -6.55 -19.56 1.65
N TYR D 87 -7.31 -18.56 1.23
CA TYR D 87 -6.96 -17.17 1.46
C TYR D 87 -7.85 -16.58 2.55
N CYS D 88 -7.35 -15.52 3.18
CA CYS D 88 -8.17 -14.68 4.05
C CYS D 88 -8.12 -13.24 3.56
N GLN D 89 -9.25 -12.55 3.66
CA GLN D 89 -9.38 -11.20 3.13
C GLN D 89 -10.10 -10.32 4.13
N GLN D 90 -9.48 -9.21 4.50
CA GLN D 90 -10.10 -8.26 5.41
C GLN D 90 -11.00 -7.31 4.63
N SER D 91 -12.04 -6.81 5.31
CA SER D 91 -12.98 -5.87 4.71
C SER D 91 -13.07 -4.55 5.43
N TYR D 92 -12.63 -4.46 6.69
CA TYR D 92 -12.80 -3.24 7.48
C TYR D 92 -12.31 -2.00 6.73
N SER D 93 -11.20 -2.12 6.01
CA SER D 93 -10.77 -1.07 5.09
C SER D 93 -11.56 -1.27 3.80
N THR D 94 -12.71 -0.60 3.74
CA THR D 94 -13.67 -0.86 2.66
C THR D 94 -13.08 -0.56 1.29
N LEU D 95 -12.56 0.66 1.11
CA LEU D 95 -12.02 1.08 -0.18
C LEU D 95 -10.56 0.68 -0.37
N ALA D 96 -10.08 -0.33 0.36
CA ALA D 96 -8.72 -0.82 0.31
C ALA D 96 -8.74 -2.26 0.82
N LEU D 97 -9.44 -3.11 0.08
CA LEU D 97 -9.55 -4.53 0.41
C LEU D 97 -8.24 -5.24 0.10
N THR D 98 -7.69 -5.94 1.09
CA THR D 98 -6.43 -6.65 0.95
C THR D 98 -6.62 -8.12 1.31
N PHE D 99 -5.87 -8.98 0.64
CA PHE D 99 -5.90 -10.42 0.86
C PHE D 99 -4.66 -10.88 1.59
N GLY D 100 -4.74 -12.09 2.14
CA GLY D 100 -3.59 -12.73 2.75
C GLY D 100 -2.72 -13.40 1.71
N GLY D 101 -1.64 -14.02 2.20
CA GLY D 101 -0.74 -14.72 1.31
C GLY D 101 -1.26 -16.06 0.85
N GLY D 102 -2.05 -16.73 1.69
CA GLY D 102 -2.59 -18.03 1.34
C GLY D 102 -1.93 -19.14 2.13
N THR D 103 -2.66 -20.24 2.29
CA THR D 103 -2.16 -21.42 3.02
C THR D 103 -2.54 -22.65 2.19
N LYS D 104 -1.64 -23.09 1.33
CA LYS D 104 -1.87 -24.28 0.53
C LYS D 104 -1.79 -25.52 1.41
N VAL D 105 -2.84 -26.33 1.38
CA VAL D 105 -2.89 -27.57 2.15
C VAL D 105 -2.52 -28.71 1.21
N GLU D 106 -1.39 -29.35 1.47
CA GLU D 106 -0.90 -30.44 0.65
C GLU D 106 -1.26 -31.78 1.29
N ILE D 107 -1.13 -32.84 0.50
CA ILE D 107 -1.44 -34.19 0.95
C ILE D 107 -0.22 -34.77 1.65
N LYS D 108 -0.39 -35.15 2.92
CA LYS D 108 0.71 -35.67 3.71
C LYS D 108 1.04 -37.10 3.29
N ARG D 109 2.33 -37.38 3.11
CA ARG D 109 2.81 -38.69 2.72
C ARG D 109 4.16 -38.93 3.38
N THR D 110 4.74 -40.10 3.10
CA THR D 110 6.08 -40.39 3.58
C THR D 110 7.11 -39.59 2.81
N VAL D 111 8.32 -39.50 3.38
CA VAL D 111 9.40 -38.74 2.77
C VAL D 111 9.97 -39.52 1.59
N ALA D 112 10.15 -38.84 0.46
CA ALA D 112 10.67 -39.45 -0.76
C ALA D 112 11.99 -38.81 -1.13
N ALA D 113 12.96 -39.64 -1.50
CA ALA D 113 14.27 -39.14 -1.89
C ALA D 113 14.25 -38.73 -3.36
N PRO D 114 14.70 -37.52 -3.71
CA PRO D 114 14.68 -37.10 -5.11
C PRO D 114 15.80 -37.73 -5.92
N SER D 115 15.47 -38.09 -7.16
CA SER D 115 16.46 -38.59 -8.11
C SER D 115 16.97 -37.41 -8.93
N VAL D 116 18.24 -37.08 -8.77
CA VAL D 116 18.81 -35.88 -9.37
C VAL D 116 19.47 -36.24 -10.70
N PHE D 117 19.14 -35.46 -11.74
CA PHE D 117 19.72 -35.61 -13.06
C PHE D 117 20.16 -34.25 -13.56
N ILE D 118 21.39 -34.16 -14.07
CA ILE D 118 21.93 -32.91 -14.61
C ILE D 118 22.14 -33.08 -16.10
N PHE D 119 21.62 -32.14 -16.89
CA PHE D 119 21.72 -32.20 -18.34
C PHE D 119 22.58 -31.06 -18.84
N PRO D 120 23.59 -31.35 -19.66
CA PRO D 120 24.40 -30.29 -20.26
C PRO D 120 23.63 -29.58 -21.36
N PRO D 121 24.09 -28.42 -21.81
CA PRO D 121 23.42 -27.76 -22.93
C PRO D 121 23.61 -28.53 -24.23
N SER D 122 22.54 -28.62 -25.00
CA SER D 122 22.58 -29.36 -26.26
C SER D 122 23.50 -28.66 -27.25
N ASP D 123 24.09 -29.46 -28.14
CA ASP D 123 24.98 -28.91 -29.17
C ASP D 123 24.22 -27.99 -30.12
N GLU D 124 22.95 -28.30 -30.39
CA GLU D 124 22.15 -27.42 -31.25
C GLU D 124 21.92 -26.07 -30.60
N GLN D 125 21.79 -26.02 -29.27
CA GLN D 125 21.60 -24.75 -28.59
C GLN D 125 22.87 -23.91 -28.62
N LEU D 126 24.04 -24.54 -28.49
CA LEU D 126 25.29 -23.81 -28.48
C LEU D 126 25.56 -23.11 -29.82
N LYS D 127 24.98 -23.61 -30.91
CA LYS D 127 25.10 -22.91 -32.18
C LYS D 127 24.37 -21.58 -32.16
N SER D 128 23.25 -21.49 -31.44
CA SER D 128 22.49 -20.26 -31.39
C SER D 128 23.22 -19.18 -30.61
N GLY D 129 23.85 -19.55 -29.50
CA GLY D 129 24.59 -18.59 -28.69
C GLY D 129 24.35 -18.73 -27.21
N THR D 130 23.17 -19.21 -26.83
CA THR D 130 22.82 -19.39 -25.43
C THR D 130 23.18 -20.80 -24.97
N ALA D 131 23.32 -20.94 -23.65
CA ALA D 131 23.61 -22.23 -23.03
C ALA D 131 22.71 -22.40 -21.82
N SER D 132 22.16 -23.61 -21.67
CA SER D 132 21.22 -23.91 -20.60
C SER D 132 21.60 -25.22 -19.93
N VAL D 133 21.83 -25.17 -18.62
CA VAL D 133 22.13 -26.35 -17.81
C VAL D 133 20.90 -26.66 -16.98
N VAL D 134 20.36 -27.86 -17.14
CA VAL D 134 19.12 -28.27 -16.51
C VAL D 134 19.42 -29.32 -15.45
N CYS D 135 18.99 -29.06 -14.22
CA CYS D 135 19.09 -30.01 -13.13
C CYS D 135 17.69 -30.41 -12.70
N LEU D 136 17.45 -31.73 -12.63
CA LEU D 136 16.12 -32.27 -12.44
C LEU D 136 16.05 -33.01 -11.10
N LEU D 137 15.16 -32.56 -10.21
CA LEU D 137 14.84 -33.26 -8.97
C LEU D 137 13.47 -33.91 -9.15
N ASN D 138 13.42 -35.23 -9.07
CA ASN D 138 12.27 -36.00 -9.52
C ASN D 138 11.66 -36.78 -8.36
N ASN D 139 10.38 -36.51 -8.09
CA ASN D 139 9.56 -37.36 -7.22
C ASN D 139 10.06 -37.35 -5.77
N PHE D 140 9.97 -36.17 -5.16
CA PHE D 140 10.36 -35.99 -3.76
C PHE D 140 9.19 -35.40 -2.96
N TYR D 141 9.38 -35.36 -1.64
CA TYR D 141 8.40 -34.80 -0.72
C TYR D 141 9.06 -34.52 0.62
N PRO D 142 8.85 -33.33 1.22
CA PRO D 142 8.02 -32.25 0.69
C PRO D 142 8.72 -31.41 -0.37
N ARG D 143 8.06 -30.34 -0.84
CA ARG D 143 8.65 -29.52 -1.88
C ARG D 143 9.83 -28.68 -1.38
N GLU D 144 10.02 -28.60 -0.06
CA GLU D 144 11.18 -27.90 0.50
C GLU D 144 12.46 -28.59 0.08
N ALA D 145 13.06 -28.12 -1.01
CA ALA D 145 14.28 -28.72 -1.54
C ALA D 145 15.16 -27.60 -2.09
N LYS D 146 16.38 -27.49 -1.55
CA LYS D 146 17.33 -26.46 -1.98
C LYS D 146 18.16 -26.98 -3.15
N VAL D 147 18.24 -26.17 -4.20
CA VAL D 147 19.05 -26.47 -5.37
C VAL D 147 20.13 -25.41 -5.48
N GLN D 148 21.39 -25.84 -5.41
CA GLN D 148 22.54 -24.94 -5.40
C GLN D 148 23.39 -25.23 -6.63
N TRP D 149 23.64 -24.19 -7.43
CA TRP D 149 24.49 -24.31 -8.60
C TRP D 149 25.92 -23.92 -8.24
N LYS D 150 26.86 -24.81 -8.54
CA LYS D 150 28.28 -24.56 -8.35
C LYS D 150 28.98 -24.63 -9.69
N VAL D 151 29.84 -23.65 -9.98
CA VAL D 151 30.61 -23.60 -11.21
C VAL D 151 32.05 -23.35 -10.82
N ASP D 152 32.89 -24.38 -10.98
CA ASP D 152 34.28 -24.36 -10.53
C ASP D 152 34.36 -24.09 -9.03
N ASN D 153 33.54 -24.82 -8.28
CA ASN D 153 33.44 -24.70 -6.82
C ASN D 153 33.06 -23.29 -6.38
N ALA D 154 32.51 -22.49 -7.29
CA ALA D 154 32.05 -21.13 -6.98
C ALA D 154 30.54 -21.14 -6.94
N LEU D 155 29.97 -20.82 -5.77
CA LEU D 155 28.53 -20.79 -5.61
C LEU D 155 27.90 -19.79 -6.57
N GLN D 156 26.81 -20.21 -7.22
CA GLN D 156 26.13 -19.39 -8.22
C GLN D 156 24.73 -19.05 -7.74
N SER D 157 24.39 -17.76 -7.77
CA SER D 157 23.07 -17.28 -7.38
C SER D 157 22.67 -16.16 -8.32
N GLY D 158 21.44 -16.23 -8.83
CA GLY D 158 20.91 -15.22 -9.74
C GLY D 158 21.00 -15.59 -11.21
N ASN D 159 21.75 -16.63 -11.55
CA ASN D 159 21.87 -17.04 -12.95
C ASN D 159 20.72 -17.92 -13.42
N SER D 160 20.02 -18.57 -12.49
CA SER D 160 19.07 -19.61 -12.81
C SER D 160 17.67 -19.25 -12.29
N GLN D 161 16.73 -20.15 -12.54
CA GLN D 161 15.36 -20.03 -12.06
C GLN D 161 14.74 -21.41 -12.03
N GLU D 162 13.90 -21.65 -11.03
CA GLU D 162 13.31 -22.96 -10.79
C GLU D 162 11.86 -23.01 -11.25
N SER D 163 11.31 -24.23 -11.23
CA SER D 163 9.92 -24.46 -11.60
C SER D 163 9.49 -25.77 -10.99
N VAL D 164 8.36 -25.77 -10.29
CA VAL D 164 7.89 -26.92 -9.53
C VAL D 164 6.51 -27.32 -10.02
N THR D 165 6.28 -28.63 -10.15
CA THR D 165 4.97 -29.14 -10.45
C THR D 165 4.14 -29.28 -9.18
N GLU D 166 2.82 -29.28 -9.34
CA GLU D 166 1.94 -29.50 -8.21
C GLU D 166 2.10 -30.93 -7.70
N GLN D 167 1.47 -31.21 -6.56
CA GLN D 167 1.55 -32.53 -5.97
C GLN D 167 0.96 -33.56 -6.92
N ASP D 168 1.71 -34.61 -7.20
CA ASP D 168 1.33 -35.58 -8.23
C ASP D 168 0.08 -36.33 -7.82
N SER D 169 -0.78 -36.61 -8.80
CA SER D 169 -2.02 -37.33 -8.55
C SER D 169 -1.81 -38.80 -8.28
N LYS D 170 -0.63 -39.34 -8.58
CA LYS D 170 -0.35 -40.77 -8.42
C LYS D 170 0.35 -41.06 -7.09
N ASP D 171 1.55 -40.51 -6.89
CA ASP D 171 2.34 -40.78 -5.69
C ASP D 171 2.50 -39.56 -4.79
N SER D 172 1.84 -38.45 -5.11
CA SER D 172 1.82 -37.25 -4.27
C SER D 172 3.24 -36.70 -4.05
N THR D 173 4.00 -36.62 -5.15
CA THR D 173 5.38 -36.14 -5.09
C THR D 173 5.55 -34.93 -6.00
N TYR D 174 6.52 -34.10 -5.66
CA TYR D 174 6.84 -32.91 -6.42
C TYR D 174 8.04 -33.17 -7.32
N SER D 175 8.31 -32.21 -8.21
CA SER D 175 9.45 -32.27 -9.10
C SER D 175 9.91 -30.85 -9.39
N LEU D 176 11.22 -30.69 -9.61
CA LEU D 176 11.82 -29.38 -9.80
C LEU D 176 12.79 -29.42 -10.97
N SER D 177 12.86 -28.32 -11.71
CA SER D 177 13.77 -28.18 -12.85
C SER D 177 14.45 -26.82 -12.76
N SER D 178 15.71 -26.82 -12.34
CA SER D 178 16.51 -25.60 -12.28
C SER D 178 17.23 -25.40 -13.61
N THR D 179 17.01 -24.26 -14.24
CA THR D 179 17.54 -23.96 -15.57
C THR D 179 18.60 -22.87 -15.43
N LEU D 180 19.86 -23.26 -15.52
CA LEU D 180 20.99 -22.35 -15.46
C LEU D 180 21.24 -21.79 -16.86
N THR D 181 20.96 -20.51 -17.06
CA THR D 181 21.04 -19.89 -18.37
C THR D 181 22.22 -18.92 -18.42
N LEU D 182 23.04 -19.04 -19.46
CA LEU D 182 24.18 -18.15 -19.66
C LEU D 182 24.59 -18.21 -21.12
N SER D 183 25.47 -17.28 -21.50
CA SER D 183 25.91 -17.16 -22.88
C SER D 183 26.95 -18.23 -23.21
N LYS D 184 27.51 -18.17 -24.41
CA LYS D 184 28.54 -19.12 -24.80
C LYS D 184 29.90 -18.74 -24.21
N ALA D 185 30.24 -17.45 -24.25
CA ALA D 185 31.52 -17.00 -23.72
C ALA D 185 31.62 -17.30 -22.22
N ASP D 186 30.51 -17.17 -21.49
CA ASP D 186 30.50 -17.55 -20.09
C ASP D 186 30.51 -19.05 -19.89
N TYR D 187 30.24 -19.83 -20.94
CA TYR D 187 30.19 -21.28 -20.82
C TYR D 187 31.55 -21.93 -21.01
N GLU D 188 32.38 -21.39 -21.90
CA GLU D 188 33.73 -21.92 -22.09
C GLU D 188 34.72 -21.40 -21.08
N LYS D 189 34.42 -20.29 -20.40
CA LYS D 189 35.31 -19.77 -19.38
C LYS D 189 35.48 -20.73 -18.21
N HIS D 190 34.53 -21.64 -18.02
CA HIS D 190 34.54 -22.56 -16.89
C HIS D 190 34.48 -24.00 -17.38
N LYS D 191 34.73 -24.93 -16.46
CA LYS D 191 34.78 -26.35 -16.78
C LYS D 191 33.78 -27.15 -15.97
N VAL D 192 33.85 -27.11 -14.64
CA VAL D 192 33.00 -27.94 -13.79
C VAL D 192 31.64 -27.27 -13.63
N TYR D 193 30.58 -28.03 -13.90
CA TYR D 193 29.21 -27.60 -13.67
C TYR D 193 28.54 -28.64 -12.78
N ALA D 194 28.18 -28.23 -11.56
CA ALA D 194 27.60 -29.12 -10.58
C ALA D 194 26.22 -28.65 -10.17
N CYS D 195 25.52 -29.51 -9.44
CA CYS D 195 24.17 -29.21 -8.95
C CYS D 195 24.02 -29.86 -7.58
N GLU D 196 24.29 -29.07 -6.53
CA GLU D 196 24.14 -29.57 -5.17
C GLU D 196 22.67 -29.55 -4.78
N VAL D 197 22.22 -30.63 -4.15
CA VAL D 197 20.83 -30.83 -3.79
C VAL D 197 20.75 -31.21 -2.32
N THR D 198 19.98 -30.44 -1.55
CA THR D 198 19.73 -30.74 -0.14
C THR D 198 18.23 -30.94 0.05
N HIS D 199 17.85 -32.10 0.58
CA HIS D 199 16.44 -32.41 0.81
C HIS D 199 16.31 -33.15 2.12
N GLN D 200 15.14 -33.00 2.75
CA GLN D 200 14.89 -33.61 4.05
C GLN D 200 15.09 -35.12 4.01
N GLY D 201 14.86 -35.75 2.88
CA GLY D 201 15.02 -37.19 2.75
C GLY D 201 16.42 -37.61 2.34
N LEU D 202 17.38 -36.69 2.44
CA LEU D 202 18.76 -36.97 2.11
C LEU D 202 19.60 -36.92 3.38
N SER D 203 20.27 -38.03 3.69
CA SER D 203 21.17 -38.07 4.85
C SER D 203 22.36 -37.14 4.68
N SER D 204 22.70 -36.78 3.45
CA SER D 204 23.79 -35.86 3.15
C SER D 204 23.50 -35.20 1.82
N PRO D 205 24.01 -33.98 1.59
CA PRO D 205 23.77 -33.33 0.29
C PRO D 205 24.36 -34.14 -0.86
N VAL D 206 23.60 -34.21 -1.95
CA VAL D 206 23.96 -34.97 -3.13
C VAL D 206 24.33 -34.01 -4.26
N THR D 207 25.40 -34.33 -4.97
CA THR D 207 25.92 -33.49 -6.04
C THR D 207 26.01 -34.29 -7.33
N LYS D 208 25.48 -33.73 -8.41
CA LYS D 208 25.59 -34.32 -9.75
C LYS D 208 26.29 -33.30 -10.64
N SER D 209 27.49 -33.65 -11.10
CA SER D 209 28.33 -32.72 -11.84
C SER D 209 28.81 -33.34 -13.13
N PHE D 210 29.41 -32.51 -13.97
CA PHE D 210 30.04 -32.95 -15.21
C PHE D 210 31.03 -31.88 -15.66
N ASN D 211 32.12 -32.32 -16.28
CA ASN D 211 33.09 -31.42 -16.86
C ASN D 211 32.70 -31.11 -18.31
N ARG D 212 32.94 -29.87 -18.73
CA ARG D 212 32.50 -29.43 -20.04
C ARG D 212 33.26 -30.17 -21.14
N GLY D 213 32.52 -30.73 -22.09
CA GLY D 213 33.09 -31.36 -23.26
C GLY D 213 33.97 -32.56 -22.96
N GLU D 214 33.49 -33.47 -22.12
CA GLU D 214 34.24 -34.69 -21.83
C GLU D 214 33.39 -35.94 -21.95
N CYS D 215 32.12 -35.89 -21.52
CA CYS D 215 31.18 -36.99 -21.71
C CYS D 215 31.71 -38.32 -21.15
C1 NAG E . -19.29 23.22 -3.55
C2 NAG E . -20.67 22.67 -3.89
C3 NAG E . -20.61 21.93 -5.22
C4 NAG E . -20.07 22.85 -6.30
C5 NAG E . -18.73 23.44 -5.89
C6 NAG E . -18.21 24.49 -6.85
C7 NAG E . -22.44 21.62 -2.55
C8 NAG E . -22.75 20.69 -1.42
N2 NAG E . -21.15 21.79 -2.83
O3 NAG E . -21.90 21.44 -5.56
O4 NAG E . -19.93 22.15 -7.53
O5 NAG E . -18.84 24.08 -4.61
O6 NAG E . -17.05 25.12 -6.36
O7 NAG E . -23.32 22.19 -3.19
CL CL F . -24.38 13.45 20.64
CL CL G . 12.79 53.33 36.60
CL CL H . -31.07 -13.04 -15.99
CL CL I . -30.96 0.47 -12.47
CL CL J . -5.14 -20.81 -10.22
MG MG K . 12.74 -24.40 -16.45
#